data_1K1R
# 
_entry.id   1K1R 
# 
_audit_conform.dict_name       mmcif_pdbx.dic 
_audit_conform.dict_version    5.392 
_audit_conform.dict_location   http://mmcif.pdb.org/dictionaries/ascii/mmcif_pdbx.dic 
# 
loop_
_database_2.database_id 
_database_2.database_code 
_database_2.pdbx_database_accession 
_database_2.pdbx_DOI 
PDB   1K1R         pdb_00001k1r 10.2210/pdb1k1r/pdb 
RCSB  RCSB014451   ?            ?                   
WWPDB D_1000014451 ?            ?                   
# 
loop_
_pdbx_audit_revision_history.ordinal 
_pdbx_audit_revision_history.data_content_type 
_pdbx_audit_revision_history.major_revision 
_pdbx_audit_revision_history.minor_revision 
_pdbx_audit_revision_history.revision_date 
1 'Structure model' 1 0 2002-06-19 
2 'Structure model' 1 1 2008-04-27 
3 'Structure model' 1 2 2011-07-13 
4 'Structure model' 1 3 2022-02-23 
5 'Structure model' 1 4 2024-05-22 
# 
_pdbx_audit_revision_details.ordinal             1 
_pdbx_audit_revision_details.revision_ordinal    1 
_pdbx_audit_revision_details.data_content_type   'Structure model' 
_pdbx_audit_revision_details.provider            repository 
_pdbx_audit_revision_details.type                'Initial release' 
_pdbx_audit_revision_details.description         ? 
_pdbx_audit_revision_details.details             ? 
# 
loop_
_pdbx_audit_revision_group.ordinal 
_pdbx_audit_revision_group.revision_ordinal 
_pdbx_audit_revision_group.data_content_type 
_pdbx_audit_revision_group.group 
1 2 'Structure model' 'Version format compliance' 
2 3 'Structure model' 'Version format compliance' 
3 4 'Structure model' 'Data collection'           
4 4 'Structure model' 'Database references'       
5 4 'Structure model' 'Derived calculations'      
6 4 'Structure model' 'Experimental preparation'  
7 5 'Structure model' 'Data collection'           
# 
loop_
_pdbx_audit_revision_category.ordinal 
_pdbx_audit_revision_category.revision_ordinal 
_pdbx_audit_revision_category.data_content_type 
_pdbx_audit_revision_category.category 
1 4 'Structure model' database_2                       
2 4 'Structure model' pdbx_nmr_exptl_sample_conditions 
3 4 'Structure model' pdbx_nmr_software                
4 4 'Structure model' pdbx_struct_assembly             
5 4 'Structure model' pdbx_struct_oper_list            
6 4 'Structure model' struct_conn                      
7 5 'Structure model' chem_comp_atom                   
8 5 'Structure model' chem_comp_bond                   
# 
loop_
_pdbx_audit_revision_item.ordinal 
_pdbx_audit_revision_item.revision_ordinal 
_pdbx_audit_revision_item.data_content_type 
_pdbx_audit_revision_item.item 
1 4 'Structure model' '_database_2.pdbx_DOI'                             
2 4 'Structure model' '_database_2.pdbx_database_accession'              
3 4 'Structure model' '_pdbx_nmr_exptl_sample_conditions.pressure_units' 
4 4 'Structure model' '_pdbx_nmr_software.name'                          
5 4 'Structure model' '_struct_conn.pdbx_leaving_atom_flag'              
# 
_pdbx_database_status.status_code                     REL 
_pdbx_database_status.entry_id                        1K1R 
_pdbx_database_status.recvd_initial_deposition_date   2001-09-25 
_pdbx_database_status.deposit_site                    RCSB 
_pdbx_database_status.process_site                    RCSB 
_pdbx_database_status.SG_entry                        . 
_pdbx_database_status.pdb_format_compatible           Y 
_pdbx_database_status.status_code_mr                  ? 
_pdbx_database_status.status_code_sf                  ? 
_pdbx_database_status.status_code_cs                  ? 
_pdbx_database_status.status_code_nmr_data            ? 
_pdbx_database_status.methods_development_category    ? 
# 
_pdbx_database_related.db_name        PDB 
_pdbx_database_related.db_id          1k1h 
_pdbx_database_related.details        
;HETERODUPLEX OF CHIRALLY PURE R-METHYLPHOSPHONATE / DNA DUPLEX
Chiral center at the fifth position of chain B is changed to S.
;
_pdbx_database_related.content_type   unspecified 
# 
loop_
_audit_author.name 
_audit_author.pdbx_ordinal 
'Thiviyanathan, V.' 1 
'Vyazovkina, K.V.'  2 
'Gozansky, E.K.'    3 
'Bichenkova, E.'    4 
'Abramova, T.V.'    5 
'Luxon, B.A.'       6 
'Lebedev, A.V.'     7 
'Gorenstein, D.G.'  8 
# 
_citation.id                        primary 
_citation.title                     
'Structure of hybrid backbone methylphosphonate DNA heteroduplexes: effect of R and S stereochemistry.' 
_citation.journal_abbrev            Biochemistry 
_citation.journal_volume            41 
_citation.page_first                827 
_citation.page_last                 838 
_citation.year                      2002 
_citation.journal_id_ASTM           BICHAW 
_citation.country                   US 
_citation.journal_id_ISSN           0006-2960 
_citation.journal_id_CSD            0033 
_citation.book_publisher            ? 
_citation.pdbx_database_id_PubMed   11790104 
_citation.pdbx_database_id_DOI      10.1021/bi011551k 
# 
loop_
_citation_author.citation_id 
_citation_author.name 
_citation_author.ordinal 
_citation_author.identifier_ORCID 
primary 'Thiviyanathan, V.' 1 ? 
primary 'Vyazovkina, K.V.'  2 ? 
primary 'Gozansky, E.K.'    3 ? 
primary 'Bichenchova, E.'   4 ? 
primary 'Abramova, T.V.'    5 ? 
primary 'Luxon, B.A.'       6 ? 
primary 'Lebedev, A.V.'     7 ? 
primary 'Gorenstein, D.G.'  8 ? 
# 
loop_
_entity.id 
_entity.type 
_entity.src_method 
_entity.pdbx_description 
_entity.formula_weight 
_entity.pdbx_number_of_molecules 
_entity.pdbx_ec 
_entity.pdbx_mutation 
_entity.pdbx_fragment 
_entity.details 
1 polymer syn "5'-D(*TP*GP*TP*TP*TP*GP*GP*C)-3'"                      2448.613 1 ? ? ? ? 
2 polymer syn "5'-D(*CP*(CMR)P*(RMP)P*(RMP)P*(RMP)P*(CMR)P*(RMP))-3'" 2063.577 1 ? ? ? ? 
# 
loop_
_entity_poly.entity_id 
_entity_poly.type 
_entity_poly.nstd_linkage 
_entity_poly.nstd_monomer 
_entity_poly.pdbx_seq_one_letter_code 
_entity_poly.pdbx_seq_one_letter_code_can 
_entity_poly.pdbx_strand_id 
_entity_poly.pdbx_target_identifier 
1 polydeoxyribonucleotide no no  '(DT)(DG)(DT)(DT)(DT)(DG)(DG)(DC)'   TGTTTGGC A ? 
2 polydeoxyribonucleotide no yes '(DC)(CMR)(RMP)(RMP)(RMP)(CMR)(RMP)' CCAAACA  B ? 
# 
loop_
_entity_poly_seq.entity_id 
_entity_poly_seq.num 
_entity_poly_seq.mon_id 
_entity_poly_seq.hetero 
1 1 DT  n 
1 2 DG  n 
1 3 DT  n 
1 4 DT  n 
1 5 DT  n 
1 6 DG  n 
1 7 DG  n 
1 8 DC  n 
2 1 DC  n 
2 2 CMR n 
2 3 RMP n 
2 4 RMP n 
2 5 RMP n 
2 6 CMR n 
2 7 RMP n 
# 
loop_
_chem_comp.id 
_chem_comp.type 
_chem_comp.mon_nstd_flag 
_chem_comp.name 
_chem_comp.pdbx_synonyms 
_chem_comp.formula 
_chem_comp.formula_weight 
CMR 'DNA linking' n "2'-DEOXY-CYTIDINE-5'-RP-MONOMETHYLPHOSPHONATE"  ? 'C10 H16 N3 O6 P' 305.224 
DC  'DNA linking' y "2'-DEOXYCYTIDINE-5'-MONOPHOSPHATE"              ? 'C9 H14 N3 O7 P'  307.197 
DG  'DNA linking' y "2'-DEOXYGUANOSINE-5'-MONOPHOSPHATE"             ? 'C10 H14 N5 O7 P' 347.221 
DT  'DNA linking' y "THYMIDINE-5'-MONOPHOSPHATE"                     ? 'C10 H15 N2 O8 P' 322.208 
RMP 'DNA linking' n "2'-DEOXY-ADENOSINE-5'-RP-MONOMETHYLPHOSPHONATE" ? 'C11 H16 N5 O5 P' 329.249 
# 
loop_
_pdbx_poly_seq_scheme.asym_id 
_pdbx_poly_seq_scheme.entity_id 
_pdbx_poly_seq_scheme.seq_id 
_pdbx_poly_seq_scheme.mon_id 
_pdbx_poly_seq_scheme.ndb_seq_num 
_pdbx_poly_seq_scheme.pdb_seq_num 
_pdbx_poly_seq_scheme.auth_seq_num 
_pdbx_poly_seq_scheme.pdb_mon_id 
_pdbx_poly_seq_scheme.auth_mon_id 
_pdbx_poly_seq_scheme.pdb_strand_id 
_pdbx_poly_seq_scheme.pdb_ins_code 
_pdbx_poly_seq_scheme.hetero 
A 1 1 DT  1 1  1  DT  T   A . n 
A 1 2 DG  2 2  2  DG  G   A . n 
A 1 3 DT  3 3  3  DT  T   A . n 
A 1 4 DT  4 4  4  DT  T   A . n 
A 1 5 DT  5 5  5  DT  T   A . n 
A 1 6 DG  6 6  6  DG  G   A . n 
A 1 7 DG  7 7  7  DG  G   A . n 
A 1 8 DC  8 8  8  DC  C   A . n 
B 2 1 DC  1 9  9  DC  C   B . n 
B 2 2 CMR 2 10 10 CMR CMR B . n 
B 2 3 RMP 3 11 11 RMP RMP B . n 
B 2 4 RMP 4 12 12 RMP RMP B . n 
B 2 5 RMP 5 13 13 RMP RMP B . n 
B 2 6 CMR 6 14 14 CMR CMR B . n 
B 2 7 RMP 7 15 15 RMP RMP B . n 
# 
_exptl.entry_id          1K1R 
_exptl.method            'SOLUTION NMR' 
_exptl.crystals_number   ? 
# 
_exptl_crystal.id                    1 
_exptl_crystal.density_meas          ? 
_exptl_crystal.density_Matthews      ? 
_exptl_crystal.density_percent_sol   ? 
_exptl_crystal.description           ? 
# 
_diffrn.id                     1 
_diffrn.ambient_temp           ? 
_diffrn.ambient_temp_details   ? 
_diffrn.crystal_id             1 
# 
_diffrn_radiation.diffrn_id                        1 
_diffrn_radiation.wavelength_id                    1 
_diffrn_radiation.pdbx_monochromatic_or_laue_m_l   M 
_diffrn_radiation.monochromator                    ? 
_diffrn_radiation.pdbx_diffrn_protocol             'SINGLE WAVELENGTH' 
_diffrn_radiation.pdbx_scattering_type             ? 
# 
_diffrn_radiation_wavelength.id           1 
_diffrn_radiation_wavelength.wavelength   . 
_diffrn_radiation_wavelength.wt           1.0 
# 
_struct.entry_id                  1K1R 
_struct.title                     'HETERODUPLEX OF CHIRALLY PURE R-METHYLPHOSPHONATE/DNA DUPLEX' 
_struct.pdbx_model_details        ? 
_struct.pdbx_CASP_flag            ? 
_struct.pdbx_model_type_details   ? 
# 
_struct_keywords.entry_id        1K1R 
_struct_keywords.pdbx_keywords   DNA 
_struct_keywords.text            'methyl phosphonate, modified DNA, anti sense, aptamers, DNA' 
# 
loop_
_struct_asym.id 
_struct_asym.pdbx_blank_PDB_chainid_flag 
_struct_asym.pdbx_modified 
_struct_asym.entity_id 
_struct_asym.details 
A N N 1 ? 
B N N 2 ? 
# 
loop_
_struct_ref.id 
_struct_ref.entity_id 
_struct_ref.db_name 
_struct_ref.db_code 
_struct_ref.pdbx_db_accession 
_struct_ref.pdbx_db_isoform 
_struct_ref.pdbx_seq_one_letter_code 
_struct_ref.pdbx_align_begin 
1 1 PDB 1K1R 1K1R ? ? ? 
2 2 PDB 1K1R 1K1R ? ? ? 
# 
loop_
_struct_ref_seq.align_id 
_struct_ref_seq.ref_id 
_struct_ref_seq.pdbx_PDB_id_code 
_struct_ref_seq.pdbx_strand_id 
_struct_ref_seq.seq_align_beg 
_struct_ref_seq.pdbx_seq_align_beg_ins_code 
_struct_ref_seq.seq_align_end 
_struct_ref_seq.pdbx_seq_align_end_ins_code 
_struct_ref_seq.pdbx_db_accession 
_struct_ref_seq.db_align_beg 
_struct_ref_seq.pdbx_db_align_beg_ins_code 
_struct_ref_seq.db_align_end 
_struct_ref_seq.pdbx_db_align_end_ins_code 
_struct_ref_seq.pdbx_auth_seq_align_beg 
_struct_ref_seq.pdbx_auth_seq_align_end 
1 1 1K1R A 1 ? 8 ? 1K1R 1 ? 8  ? 1 8  
2 2 1K1R B 1 ? 7 ? 1K1R 9 ? 15 ? 9 15 
# 
_pdbx_struct_assembly.id                   1 
_pdbx_struct_assembly.details              author_defined_assembly 
_pdbx_struct_assembly.method_details       ? 
_pdbx_struct_assembly.oligomeric_details   dimeric 
_pdbx_struct_assembly.oligomeric_count     2 
# 
_pdbx_struct_assembly_gen.assembly_id       1 
_pdbx_struct_assembly_gen.oper_expression   1 
_pdbx_struct_assembly_gen.asym_id_list      A,B 
# 
_pdbx_struct_oper_list.id                   1 
_pdbx_struct_oper_list.type                 'identity operation' 
_pdbx_struct_oper_list.name                 1_555 
_pdbx_struct_oper_list.symmetry_operation   x,y,z 
_pdbx_struct_oper_list.matrix[1][1]         1.0000000000 
_pdbx_struct_oper_list.matrix[1][2]         0.0000000000 
_pdbx_struct_oper_list.matrix[1][3]         0.0000000000 
_pdbx_struct_oper_list.vector[1]            0.0000000000 
_pdbx_struct_oper_list.matrix[2][1]         0.0000000000 
_pdbx_struct_oper_list.matrix[2][2]         1.0000000000 
_pdbx_struct_oper_list.matrix[2][3]         0.0000000000 
_pdbx_struct_oper_list.vector[2]            0.0000000000 
_pdbx_struct_oper_list.matrix[3][1]         0.0000000000 
_pdbx_struct_oper_list.matrix[3][2]         0.0000000000 
_pdbx_struct_oper_list.matrix[3][3]         1.0000000000 
_pdbx_struct_oper_list.vector[3]            0.0000000000 
# 
_struct_biol.id   1 
# 
loop_
_struct_conn.id 
_struct_conn.conn_type_id 
_struct_conn.pdbx_leaving_atom_flag 
_struct_conn.pdbx_PDB_id 
_struct_conn.ptnr1_label_asym_id 
_struct_conn.ptnr1_label_comp_id 
_struct_conn.ptnr1_label_seq_id 
_struct_conn.ptnr1_label_atom_id 
_struct_conn.pdbx_ptnr1_label_alt_id 
_struct_conn.pdbx_ptnr1_PDB_ins_code 
_struct_conn.pdbx_ptnr1_standard_comp_id 
_struct_conn.ptnr1_symmetry 
_struct_conn.ptnr2_label_asym_id 
_struct_conn.ptnr2_label_comp_id 
_struct_conn.ptnr2_label_seq_id 
_struct_conn.ptnr2_label_atom_id 
_struct_conn.pdbx_ptnr2_label_alt_id 
_struct_conn.pdbx_ptnr2_PDB_ins_code 
_struct_conn.ptnr1_auth_asym_id 
_struct_conn.ptnr1_auth_comp_id 
_struct_conn.ptnr1_auth_seq_id 
_struct_conn.ptnr2_auth_asym_id 
_struct_conn.ptnr2_auth_comp_id 
_struct_conn.ptnr2_auth_seq_id 
_struct_conn.ptnr2_symmetry 
_struct_conn.pdbx_ptnr3_label_atom_id 
_struct_conn.pdbx_ptnr3_label_seq_id 
_struct_conn.pdbx_ptnr3_label_comp_id 
_struct_conn.pdbx_ptnr3_label_asym_id 
_struct_conn.pdbx_ptnr3_label_alt_id 
_struct_conn.pdbx_ptnr3_PDB_ins_code 
_struct_conn.details 
_struct_conn.pdbx_dist_value 
_struct_conn.pdbx_value_order 
_struct_conn.pdbx_role 
covale1  covale both ? B DC  1 "O3'" ? ? ? 1_555 B CMR 2 P  ? ? B DC  9  B CMR 10 1_555 ? ? ? ? ? ? ?            1.616 ? ? 
covale2  covale both ? B CMR 2 "O3'" ? ? ? 1_555 B RMP 3 P  ? ? B CMR 10 B RMP 11 1_555 ? ? ? ? ? ? ?            1.623 ? ? 
covale3  covale both ? B RMP 3 "O3'" ? ? ? 1_555 B RMP 4 P  ? ? B RMP 11 B RMP 12 1_555 ? ? ? ? ? ? ?            1.611 ? ? 
covale4  covale both ? B RMP 4 "O3'" ? ? ? 1_555 B RMP 5 P  ? ? B RMP 12 B RMP 13 1_555 ? ? ? ? ? ? ?            1.617 ? ? 
covale5  covale both ? B RMP 5 "O3'" ? ? ? 1_555 B CMR 6 P  ? ? B RMP 13 B CMR 14 1_555 ? ? ? ? ? ? ?            1.622 ? ? 
covale6  covale both ? B CMR 6 "O3'" ? ? ? 1_555 B RMP 7 P  ? ? B CMR 14 B RMP 15 1_555 ? ? ? ? ? ? ?            1.626 ? ? 
hydrog1  hydrog ?    ? A DT  1 N3    ? ? ? 1_555 B RMP 7 N1 ? ? A DT  1  B RMP 15 1_555 ? ? ? ? ? ? WATSON-CRICK ?     ? ? 
hydrog2  hydrog ?    ? A DT  1 O4    ? ? ? 1_555 B RMP 7 N6 ? ? A DT  1  B RMP 15 1_555 ? ? ? ? ? ? WATSON-CRICK ?     ? ? 
hydrog3  hydrog ?    ? A DG  2 N1    ? ? ? 1_555 B CMR 6 N3 ? ? A DG  2  B CMR 14 1_555 ? ? ? ? ? ? WATSON-CRICK ?     ? ? 
hydrog4  hydrog ?    ? A DG  2 N2    ? ? ? 1_555 B CMR 6 O2 ? ? A DG  2  B CMR 14 1_555 ? ? ? ? ? ? WATSON-CRICK ?     ? ? 
hydrog5  hydrog ?    ? A DG  2 O6    ? ? ? 1_555 B CMR 6 N4 ? ? A DG  2  B CMR 14 1_555 ? ? ? ? ? ? WATSON-CRICK ?     ? ? 
hydrog6  hydrog ?    ? A DT  3 N3    ? ? ? 1_555 B RMP 5 N1 ? ? A DT  3  B RMP 13 1_555 ? ? ? ? ? ? WATSON-CRICK ?     ? ? 
hydrog7  hydrog ?    ? A DT  3 O4    ? ? ? 1_555 B RMP 5 N6 ? ? A DT  3  B RMP 13 1_555 ? ? ? ? ? ? WATSON-CRICK ?     ? ? 
hydrog8  hydrog ?    ? A DT  4 N3    ? ? ? 1_555 B RMP 4 N1 ? ? A DT  4  B RMP 12 1_555 ? ? ? ? ? ? WATSON-CRICK ?     ? ? 
hydrog9  hydrog ?    ? A DT  4 O4    ? ? ? 1_555 B RMP 4 N6 ? ? A DT  4  B RMP 12 1_555 ? ? ? ? ? ? WATSON-CRICK ?     ? ? 
hydrog10 hydrog ?    ? A DT  5 N3    ? ? ? 1_555 B RMP 3 N1 ? ? A DT  5  B RMP 11 1_555 ? ? ? ? ? ? WATSON-CRICK ?     ? ? 
hydrog11 hydrog ?    ? A DT  5 O4    ? ? ? 1_555 B RMP 3 N6 ? ? A DT  5  B RMP 11 1_555 ? ? ? ? ? ? WATSON-CRICK ?     ? ? 
hydrog12 hydrog ?    ? A DG  6 N1    ? ? ? 1_555 B CMR 2 N3 ? ? A DG  6  B CMR 10 1_555 ? ? ? ? ? ? WATSON-CRICK ?     ? ? 
hydrog13 hydrog ?    ? A DG  6 N2    ? ? ? 1_555 B CMR 2 O2 ? ? A DG  6  B CMR 10 1_555 ? ? ? ? ? ? WATSON-CRICK ?     ? ? 
hydrog14 hydrog ?    ? A DG  6 O6    ? ? ? 1_555 B CMR 2 N4 ? ? A DG  6  B CMR 10 1_555 ? ? ? ? ? ? WATSON-CRICK ?     ? ? 
hydrog15 hydrog ?    ? A DG  7 N1    ? ? ? 1_555 B DC  1 N3 ? ? A DG  7  B DC  9  1_555 ? ? ? ? ? ? WATSON-CRICK ?     ? ? 
hydrog16 hydrog ?    ? A DG  7 N2    ? ? ? 1_555 B DC  1 O2 ? ? A DG  7  B DC  9  1_555 ? ? ? ? ? ? WATSON-CRICK ?     ? ? 
hydrog17 hydrog ?    ? A DG  7 O6    ? ? ? 1_555 B DC  1 N4 ? ? A DG  7  B DC  9  1_555 ? ? ? ? ? ? WATSON-CRICK ?     ? ? 
# 
loop_
_struct_conn_type.id 
_struct_conn_type.criteria 
_struct_conn_type.reference 
covale ? ? 
hydrog ? ? 
# 
loop_
_pdbx_validate_rmsd_angle.id 
_pdbx_validate_rmsd_angle.PDB_model_num 
_pdbx_validate_rmsd_angle.auth_atom_id_1 
_pdbx_validate_rmsd_angle.auth_asym_id_1 
_pdbx_validate_rmsd_angle.auth_comp_id_1 
_pdbx_validate_rmsd_angle.auth_seq_id_1 
_pdbx_validate_rmsd_angle.PDB_ins_code_1 
_pdbx_validate_rmsd_angle.label_alt_id_1 
_pdbx_validate_rmsd_angle.auth_atom_id_2 
_pdbx_validate_rmsd_angle.auth_asym_id_2 
_pdbx_validate_rmsd_angle.auth_comp_id_2 
_pdbx_validate_rmsd_angle.auth_seq_id_2 
_pdbx_validate_rmsd_angle.PDB_ins_code_2 
_pdbx_validate_rmsd_angle.label_alt_id_2 
_pdbx_validate_rmsd_angle.auth_atom_id_3 
_pdbx_validate_rmsd_angle.auth_asym_id_3 
_pdbx_validate_rmsd_angle.auth_comp_id_3 
_pdbx_validate_rmsd_angle.auth_seq_id_3 
_pdbx_validate_rmsd_angle.PDB_ins_code_3 
_pdbx_validate_rmsd_angle.label_alt_id_3 
_pdbx_validate_rmsd_angle.angle_value 
_pdbx_validate_rmsd_angle.angle_target_value 
_pdbx_validate_rmsd_angle.angle_deviation 
_pdbx_validate_rmsd_angle.angle_standard_deviation 
_pdbx_validate_rmsd_angle.linker_flag 
1 1 "O4'" A DT 1 ? ? "C1'" A DT 1 ? ? N1 A DT 1 ? ? 111.95 108.30 3.65  0.30 N 
2 1 "O4'" A DT 3 ? ? "C1'" A DT 3 ? ? N1 A DT 3 ? ? 110.28 108.30 1.98  0.30 N 
3 1 "O4'" A DT 5 ? ? "C1'" A DT 5 ? ? N1 A DT 5 ? ? 111.22 108.30 2.92  0.30 N 
4 1 C6    A DT 5 ? ? C5    A DT 5 ? ? C7 A DT 5 ? ? 118.63 122.90 -4.27 0.60 N 
5 1 "O4'" A DG 6 ? ? "C1'" A DG 6 ? ? N9 A DG 6 ? ? 112.51 108.30 4.21  0.30 N 
6 1 "O4'" A DG 7 ? ? "C1'" A DG 7 ? ? N9 A DG 7 ? ? 110.36 108.30 2.06  0.30 N 
7 1 N3    A DC 8 ? ? C2    A DC 8 ? ? O2 A DC 8 ? ? 117.52 121.90 -4.38 0.70 N 
# 
_pdbx_validate_planes.id              1 
_pdbx_validate_planes.PDB_model_num   1 
_pdbx_validate_planes.auth_comp_id    DG 
_pdbx_validate_planes.auth_asym_id    A 
_pdbx_validate_planes.auth_seq_id     7 
_pdbx_validate_planes.PDB_ins_code    ? 
_pdbx_validate_planes.label_alt_id    ? 
_pdbx_validate_planes.rmsd            0.092 
_pdbx_validate_planes.type            'SIDE CHAIN' 
# 
loop_
_pdbx_struct_mod_residue.id 
_pdbx_struct_mod_residue.label_asym_id 
_pdbx_struct_mod_residue.label_comp_id 
_pdbx_struct_mod_residue.label_seq_id 
_pdbx_struct_mod_residue.auth_asym_id 
_pdbx_struct_mod_residue.auth_comp_id 
_pdbx_struct_mod_residue.auth_seq_id 
_pdbx_struct_mod_residue.PDB_ins_code 
_pdbx_struct_mod_residue.parent_comp_id 
_pdbx_struct_mod_residue.details 
1 B CMR 2 B CMR 10 ? DC ? 
2 B RMP 3 B RMP 11 ? DA ? 
3 B RMP 4 B RMP 12 ? DA ? 
4 B RMP 5 B RMP 13 ? DA ? 
5 B CMR 6 B CMR 14 ? DC ? 
6 B RMP 7 B RMP 15 ? DA ? 
# 
_pdbx_nmr_ensemble.entry_id                             1K1R 
_pdbx_nmr_ensemble.conformers_calculated_total_number   ? 
_pdbx_nmr_ensemble.conformers_submitted_total_number    1 
_pdbx_nmr_ensemble.conformer_selection_criteria         ? 
# 
_pdbx_nmr_sample_details.solution_id      1 
_pdbx_nmr_sample_details.contents         '100 mM NaCl, 10 mM Phosphate, 0.1 mM EDTA' 
_pdbx_nmr_sample_details.solvent_system   'H2O, D2O' 
# 
_pdbx_nmr_exptl_sample_conditions.conditions_id       1 
_pdbx_nmr_exptl_sample_conditions.temperature         298 
_pdbx_nmr_exptl_sample_conditions.pressure            1 
_pdbx_nmr_exptl_sample_conditions.pH                  7.0 
_pdbx_nmr_exptl_sample_conditions.ionic_strength      '100 mM' 
_pdbx_nmr_exptl_sample_conditions.pressure_units      atm 
_pdbx_nmr_exptl_sample_conditions.temperature_units   K 
# 
loop_
_pdbx_nmr_exptl.experiment_id 
_pdbx_nmr_exptl.solution_id 
_pdbx_nmr_exptl.conditions_id 
_pdbx_nmr_exptl.type 
1 1 1 '2D NOESY' 
2 1 1 DQF-COSY   
# 
_pdbx_nmr_refine.entry_id           1K1R 
_pdbx_nmr_refine.method             'molecular dynamics matrix relaxation' 
_pdbx_nmr_refine.details            ? 
_pdbx_nmr_refine.software_ordinal   1 
# 
loop_
_pdbx_nmr_software.name 
_pdbx_nmr_software.version 
_pdbx_nmr_software.classification 
_pdbx_nmr_software.authors 
_pdbx_nmr_software.ordinal 
VNMR   5.1 'data analysis'               varian                      1 
Amber  5.0 refinement                    UCSF                        2 
MORASS 2.0 'iterative matrix relaxation' 'Post, Meadows, Gorenstein' 3 
# 
loop_
_chem_comp_atom.comp_id 
_chem_comp_atom.atom_id 
_chem_comp_atom.type_symbol 
_chem_comp_atom.pdbx_aromatic_flag 
_chem_comp_atom.pdbx_stereo_config 
_chem_comp_atom.pdbx_ordinal 
CMR P      P N S 1   
CMR CMP    C N N 2   
CMR OP1    O N N 3   
CMR "O5'"  O N N 4   
CMR "C5'"  C N N 5   
CMR "C4'"  C N R 6   
CMR "O4'"  O N N 7   
CMR "C1'"  C N R 8   
CMR N1     N N N 9   
CMR C6     C N N 10  
CMR C5     C N N 11  
CMR C4     C N N 12  
CMR N4     N N N 13  
CMR N3     N N N 14  
CMR C2     C N N 15  
CMR O2     O N N 16  
CMR "C3'"  C N S 17  
CMR "C2'"  C N N 18  
CMR "O3'"  O N N 19  
CMR OP3    O N N 20  
CMR HMP1   H N N 21  
CMR HMP2   H N N 22  
CMR HMP3   H N N 23  
CMR "H5'"  H N N 24  
CMR "H5''" H N N 25  
CMR "H4'"  H N N 26  
CMR "H1'"  H N N 27  
CMR H6     H N N 28  
CMR H5     H N N 29  
CMR H41    H N N 30  
CMR H42    H N N 31  
CMR "H3'"  H N N 32  
CMR "H2'"  H N N 33  
CMR "H2''" H N N 34  
CMR "HO3'" H N N 35  
CMR HOP3   H N N 36  
DC  OP3    O N N 37  
DC  P      P N N 38  
DC  OP1    O N N 39  
DC  OP2    O N N 40  
DC  "O5'"  O N N 41  
DC  "C5'"  C N N 42  
DC  "C4'"  C N R 43  
DC  "O4'"  O N N 44  
DC  "C3'"  C N S 45  
DC  "O3'"  O N N 46  
DC  "C2'"  C N N 47  
DC  "C1'"  C N R 48  
DC  N1     N N N 49  
DC  C2     C N N 50  
DC  O2     O N N 51  
DC  N3     N N N 52  
DC  C4     C N N 53  
DC  N4     N N N 54  
DC  C5     C N N 55  
DC  C6     C N N 56  
DC  HOP3   H N N 57  
DC  HOP2   H N N 58  
DC  "H5'"  H N N 59  
DC  "H5''" H N N 60  
DC  "H4'"  H N N 61  
DC  "H3'"  H N N 62  
DC  "HO3'" H N N 63  
DC  "H2'"  H N N 64  
DC  "H2''" H N N 65  
DC  "H1'"  H N N 66  
DC  H41    H N N 67  
DC  H42    H N N 68  
DC  H5     H N N 69  
DC  H6     H N N 70  
DG  OP3    O N N 71  
DG  P      P N N 72  
DG  OP1    O N N 73  
DG  OP2    O N N 74  
DG  "O5'"  O N N 75  
DG  "C5'"  C N N 76  
DG  "C4'"  C N R 77  
DG  "O4'"  O N N 78  
DG  "C3'"  C N S 79  
DG  "O3'"  O N N 80  
DG  "C2'"  C N N 81  
DG  "C1'"  C N R 82  
DG  N9     N Y N 83  
DG  C8     C Y N 84  
DG  N7     N Y N 85  
DG  C5     C Y N 86  
DG  C6     C N N 87  
DG  O6     O N N 88  
DG  N1     N N N 89  
DG  C2     C N N 90  
DG  N2     N N N 91  
DG  N3     N N N 92  
DG  C4     C Y N 93  
DG  HOP3   H N N 94  
DG  HOP2   H N N 95  
DG  "H5'"  H N N 96  
DG  "H5''" H N N 97  
DG  "H4'"  H N N 98  
DG  "H3'"  H N N 99  
DG  "HO3'" H N N 100 
DG  "H2'"  H N N 101 
DG  "H2''" H N N 102 
DG  "H1'"  H N N 103 
DG  H8     H N N 104 
DG  H1     H N N 105 
DG  H21    H N N 106 
DG  H22    H N N 107 
DT  OP3    O N N 108 
DT  P      P N N 109 
DT  OP1    O N N 110 
DT  OP2    O N N 111 
DT  "O5'"  O N N 112 
DT  "C5'"  C N N 113 
DT  "C4'"  C N R 114 
DT  "O4'"  O N N 115 
DT  "C3'"  C N S 116 
DT  "O3'"  O N N 117 
DT  "C2'"  C N N 118 
DT  "C1'"  C N R 119 
DT  N1     N N N 120 
DT  C2     C N N 121 
DT  O2     O N N 122 
DT  N3     N N N 123 
DT  C4     C N N 124 
DT  O4     O N N 125 
DT  C5     C N N 126 
DT  C7     C N N 127 
DT  C6     C N N 128 
DT  HOP3   H N N 129 
DT  HOP2   H N N 130 
DT  "H5'"  H N N 131 
DT  "H5''" H N N 132 
DT  "H4'"  H N N 133 
DT  "H3'"  H N N 134 
DT  "HO3'" H N N 135 
DT  "H2'"  H N N 136 
DT  "H2''" H N N 137 
DT  "H1'"  H N N 138 
DT  H3     H N N 139 
DT  H71    H N N 140 
DT  H72    H N N 141 
DT  H73    H N N 142 
DT  H6     H N N 143 
RMP P      P N S 144 
RMP CMP    C N N 145 
RMP OP1    O N N 146 
RMP "O5'"  O N N 147 
RMP "C5'"  C N N 148 
RMP "C4'"  C N R 149 
RMP "O4'"  O N N 150 
RMP "C1'"  C N R 151 
RMP N9     N Y N 152 
RMP C8     C Y N 153 
RMP N7     N Y N 154 
RMP C5     C Y N 155 
RMP C6     C Y N 156 
RMP N6     N N N 157 
RMP N1     N Y N 158 
RMP C2     C Y N 159 
RMP N3     N Y N 160 
RMP C4     C Y N 161 
RMP "C3'"  C N S 162 
RMP "C2'"  C N N 163 
RMP "O3'"  O N N 164 
RMP OP3    O N N 165 
RMP HMP1   H N N 166 
RMP HMP2   H N N 167 
RMP HMP3   H N N 168 
RMP "H5'"  H N N 169 
RMP "H5''" H N N 170 
RMP "H4'"  H N N 171 
RMP "H1'"  H N N 172 
RMP H8     H N N 173 
RMP H61    H N N 174 
RMP H62    H N N 175 
RMP H2     H N N 176 
RMP "H3'"  H N N 177 
RMP "H2'"  H N N 178 
RMP "H2''" H N N 179 
RMP "HO3'" H N N 180 
RMP HOP3   H N N 181 
# 
loop_
_chem_comp_bond.comp_id 
_chem_comp_bond.atom_id_1 
_chem_comp_bond.atom_id_2 
_chem_comp_bond.value_order 
_chem_comp_bond.pdbx_aromatic_flag 
_chem_comp_bond.pdbx_stereo_config 
_chem_comp_bond.pdbx_ordinal 
CMR P     CMP    sing N N 1   
CMR P     OP1    doub N N 2   
CMR P     "O5'"  sing N N 3   
CMR P     OP3    sing N N 4   
CMR CMP   HMP1   sing N N 5   
CMR CMP   HMP2   sing N N 6   
CMR CMP   HMP3   sing N N 7   
CMR "O5'" "C5'"  sing N N 8   
CMR "C5'" "C4'"  sing N N 9   
CMR "C5'" "H5'"  sing N N 10  
CMR "C5'" "H5''" sing N N 11  
CMR "C4'" "O4'"  sing N N 12  
CMR "C4'" "C3'"  sing N N 13  
CMR "C4'" "H4'"  sing N N 14  
CMR "O4'" "C1'"  sing N N 15  
CMR "C1'" N1     sing N N 16  
CMR "C1'" "C2'"  sing N N 17  
CMR "C1'" "H1'"  sing N N 18  
CMR N1    C6     sing N N 19  
CMR N1    C2     sing N N 20  
CMR C6    C5     doub N N 21  
CMR C6    H6     sing N N 22  
CMR C5    C4     sing N N 23  
CMR C5    H5     sing N N 24  
CMR C4    N4     sing N N 25  
CMR C4    N3     doub N N 26  
CMR N4    H41    sing N N 27  
CMR N4    H42    sing N N 28  
CMR N3    C2     sing N N 29  
CMR C2    O2     doub N N 30  
CMR "C3'" "C2'"  sing N N 31  
CMR "C3'" "O3'"  sing N N 32  
CMR "C3'" "H3'"  sing N N 33  
CMR "C2'" "H2'"  sing N N 34  
CMR "C2'" "H2''" sing N N 35  
CMR "O3'" "HO3'" sing N N 36  
CMR OP3   HOP3   sing N N 37  
DC  OP3   P      sing N N 38  
DC  OP3   HOP3   sing N N 39  
DC  P     OP1    doub N N 40  
DC  P     OP2    sing N N 41  
DC  P     "O5'"  sing N N 42  
DC  OP2   HOP2   sing N N 43  
DC  "O5'" "C5'"  sing N N 44  
DC  "C5'" "C4'"  sing N N 45  
DC  "C5'" "H5'"  sing N N 46  
DC  "C5'" "H5''" sing N N 47  
DC  "C4'" "O4'"  sing N N 48  
DC  "C4'" "C3'"  sing N N 49  
DC  "C4'" "H4'"  sing N N 50  
DC  "O4'" "C1'"  sing N N 51  
DC  "C3'" "O3'"  sing N N 52  
DC  "C3'" "C2'"  sing N N 53  
DC  "C3'" "H3'"  sing N N 54  
DC  "O3'" "HO3'" sing N N 55  
DC  "C2'" "C1'"  sing N N 56  
DC  "C2'" "H2'"  sing N N 57  
DC  "C2'" "H2''" sing N N 58  
DC  "C1'" N1     sing N N 59  
DC  "C1'" "H1'"  sing N N 60  
DC  N1    C2     sing N N 61  
DC  N1    C6     sing N N 62  
DC  C2    O2     doub N N 63  
DC  C2    N3     sing N N 64  
DC  N3    C4     doub N N 65  
DC  C4    N4     sing N N 66  
DC  C4    C5     sing N N 67  
DC  N4    H41    sing N N 68  
DC  N4    H42    sing N N 69  
DC  C5    C6     doub N N 70  
DC  C5    H5     sing N N 71  
DC  C6    H6     sing N N 72  
DG  OP3   P      sing N N 73  
DG  OP3   HOP3   sing N N 74  
DG  P     OP1    doub N N 75  
DG  P     OP2    sing N N 76  
DG  P     "O5'"  sing N N 77  
DG  OP2   HOP2   sing N N 78  
DG  "O5'" "C5'"  sing N N 79  
DG  "C5'" "C4'"  sing N N 80  
DG  "C5'" "H5'"  sing N N 81  
DG  "C5'" "H5''" sing N N 82  
DG  "C4'" "O4'"  sing N N 83  
DG  "C4'" "C3'"  sing N N 84  
DG  "C4'" "H4'"  sing N N 85  
DG  "O4'" "C1'"  sing N N 86  
DG  "C3'" "O3'"  sing N N 87  
DG  "C3'" "C2'"  sing N N 88  
DG  "C3'" "H3'"  sing N N 89  
DG  "O3'" "HO3'" sing N N 90  
DG  "C2'" "C1'"  sing N N 91  
DG  "C2'" "H2'"  sing N N 92  
DG  "C2'" "H2''" sing N N 93  
DG  "C1'" N9     sing N N 94  
DG  "C1'" "H1'"  sing N N 95  
DG  N9    C8     sing Y N 96  
DG  N9    C4     sing Y N 97  
DG  C8    N7     doub Y N 98  
DG  C8    H8     sing N N 99  
DG  N7    C5     sing Y N 100 
DG  C5    C6     sing N N 101 
DG  C5    C4     doub Y N 102 
DG  C6    O6     doub N N 103 
DG  C6    N1     sing N N 104 
DG  N1    C2     sing N N 105 
DG  N1    H1     sing N N 106 
DG  C2    N2     sing N N 107 
DG  C2    N3     doub N N 108 
DG  N2    H21    sing N N 109 
DG  N2    H22    sing N N 110 
DG  N3    C4     sing N N 111 
DT  OP3   P      sing N N 112 
DT  OP3   HOP3   sing N N 113 
DT  P     OP1    doub N N 114 
DT  P     OP2    sing N N 115 
DT  P     "O5'"  sing N N 116 
DT  OP2   HOP2   sing N N 117 
DT  "O5'" "C5'"  sing N N 118 
DT  "C5'" "C4'"  sing N N 119 
DT  "C5'" "H5'"  sing N N 120 
DT  "C5'" "H5''" sing N N 121 
DT  "C4'" "O4'"  sing N N 122 
DT  "C4'" "C3'"  sing N N 123 
DT  "C4'" "H4'"  sing N N 124 
DT  "O4'" "C1'"  sing N N 125 
DT  "C3'" "O3'"  sing N N 126 
DT  "C3'" "C2'"  sing N N 127 
DT  "C3'" "H3'"  sing N N 128 
DT  "O3'" "HO3'" sing N N 129 
DT  "C2'" "C1'"  sing N N 130 
DT  "C2'" "H2'"  sing N N 131 
DT  "C2'" "H2''" sing N N 132 
DT  "C1'" N1     sing N N 133 
DT  "C1'" "H1'"  sing N N 134 
DT  N1    C2     sing N N 135 
DT  N1    C6     sing N N 136 
DT  C2    O2     doub N N 137 
DT  C2    N3     sing N N 138 
DT  N3    C4     sing N N 139 
DT  N3    H3     sing N N 140 
DT  C4    O4     doub N N 141 
DT  C4    C5     sing N N 142 
DT  C5    C7     sing N N 143 
DT  C5    C6     doub N N 144 
DT  C7    H71    sing N N 145 
DT  C7    H72    sing N N 146 
DT  C7    H73    sing N N 147 
DT  C6    H6     sing N N 148 
RMP P     CMP    sing N N 149 
RMP P     OP1    doub N N 150 
RMP P     "O5'"  sing N N 151 
RMP P     OP3    sing N N 152 
RMP CMP   HMP1   sing N N 153 
RMP CMP   HMP2   sing N N 154 
RMP CMP   HMP3   sing N N 155 
RMP "O5'" "C5'"  sing N N 156 
RMP "C5'" "C4'"  sing N N 157 
RMP "C5'" "H5'"  sing N N 158 
RMP "C5'" "H5''" sing N N 159 
RMP "C4'" "O4'"  sing N N 160 
RMP "C4'" "C3'"  sing N N 161 
RMP "C4'" "H4'"  sing N N 162 
RMP "O4'" "C1'"  sing N N 163 
RMP "C1'" N9     sing N N 164 
RMP "C1'" "C2'"  sing N N 165 
RMP "C1'" "H1'"  sing N N 166 
RMP N9    C8     sing Y N 167 
RMP N9    C4     sing Y N 168 
RMP C8    N7     doub Y N 169 
RMP C8    H8     sing N N 170 
RMP N7    C5     sing Y N 171 
RMP C5    C6     doub Y N 172 
RMP C5    C4     sing Y N 173 
RMP C6    N6     sing N N 174 
RMP C6    N1     sing Y N 175 
RMP N6    H61    sing N N 176 
RMP N6    H62    sing N N 177 
RMP N1    C2     doub Y N 178 
RMP C2    N3     sing Y N 179 
RMP C2    H2     sing N N 180 
RMP N3    C4     doub Y N 181 
RMP "C3'" "C2'"  sing N N 182 
RMP "C3'" "O3'"  sing N N 183 
RMP "C3'" "H3'"  sing N N 184 
RMP "C2'" "H2'"  sing N N 185 
RMP "C2'" "H2''" sing N N 186 
RMP "O3'" "HO3'" sing N N 187 
RMP OP3   HOP3   sing N N 188 
# 
loop_
_ndb_struct_conf_na.entry_id 
_ndb_struct_conf_na.feature 
1K1R 'double helix'        
1K1R 'b-form double helix' 
# 
loop_
_ndb_struct_na_base_pair.model_number 
_ndb_struct_na_base_pair.i_label_asym_id 
_ndb_struct_na_base_pair.i_label_comp_id 
_ndb_struct_na_base_pair.i_label_seq_id 
_ndb_struct_na_base_pair.i_symmetry 
_ndb_struct_na_base_pair.j_label_asym_id 
_ndb_struct_na_base_pair.j_label_comp_id 
_ndb_struct_na_base_pair.j_label_seq_id 
_ndb_struct_na_base_pair.j_symmetry 
_ndb_struct_na_base_pair.shear 
_ndb_struct_na_base_pair.stretch 
_ndb_struct_na_base_pair.stagger 
_ndb_struct_na_base_pair.buckle 
_ndb_struct_na_base_pair.propeller 
_ndb_struct_na_base_pair.opening 
_ndb_struct_na_base_pair.pair_number 
_ndb_struct_na_base_pair.pair_name 
_ndb_struct_na_base_pair.i_auth_asym_id 
_ndb_struct_na_base_pair.i_auth_seq_id 
_ndb_struct_na_base_pair.i_PDB_ins_code 
_ndb_struct_na_base_pair.j_auth_asym_id 
_ndb_struct_na_base_pair.j_auth_seq_id 
_ndb_struct_na_base_pair.j_PDB_ins_code 
_ndb_struct_na_base_pair.hbond_type_28 
_ndb_struct_na_base_pair.hbond_type_12 
1 A DT 1 1_555 B RMP 7 1_555 -0.100 -0.073 -0.504 15.133  -26.104 -0.202 1 A_DT1:RMP15_B A 1 ? B 15 ? 20 1 
1 A DG 2 1_555 B CMR 6 1_555 -0.208 -0.243 -0.063 -8.314  -21.540 -1.850 2 A_DG2:CMR14_B A 2 ? B 14 ? 19 1 
1 A DT 3 1_555 B RMP 5 1_555 0.110  -0.215 -0.309 -20.532 -18.306 1.382  3 A_DT3:RMP13_B A 3 ? B 13 ? 20 1 
1 A DT 4 1_555 B RMP 4 1_555 0.083  -0.157 -0.168 -28.320 -21.719 2.673  4 A_DT4:RMP12_B A 4 ? B 12 ? 20 1 
1 A DT 5 1_555 B RMP 3 1_555 -0.108 -0.088 0.025  -20.246 -10.334 0.738  5 A_DT5:RMP11_B A 5 ? B 11 ? 20 1 
1 A DG 6 1_555 B CMR 2 1_555 0.107  -0.066 -0.377 -19.590 0.604   -5.610 6 A_DG6:CMR10_B A 6 ? B 10 ? 19 1 
1 A DG 7 1_555 B DC  1 1_555 0.436  -0.139 -0.111 -2.709  11.041  -5.570 7 A_DG7:DC9_B   A 7 ? B 9  ? 19 1 
# 
loop_
_ndb_struct_na_base_pair_step.model_number 
_ndb_struct_na_base_pair_step.i_label_asym_id_1 
_ndb_struct_na_base_pair_step.i_label_comp_id_1 
_ndb_struct_na_base_pair_step.i_label_seq_id_1 
_ndb_struct_na_base_pair_step.i_symmetry_1 
_ndb_struct_na_base_pair_step.j_label_asym_id_1 
_ndb_struct_na_base_pair_step.j_label_comp_id_1 
_ndb_struct_na_base_pair_step.j_label_seq_id_1 
_ndb_struct_na_base_pair_step.j_symmetry_1 
_ndb_struct_na_base_pair_step.i_label_asym_id_2 
_ndb_struct_na_base_pair_step.i_label_comp_id_2 
_ndb_struct_na_base_pair_step.i_label_seq_id_2 
_ndb_struct_na_base_pair_step.i_symmetry_2 
_ndb_struct_na_base_pair_step.j_label_asym_id_2 
_ndb_struct_na_base_pair_step.j_label_comp_id_2 
_ndb_struct_na_base_pair_step.j_label_seq_id_2 
_ndb_struct_na_base_pair_step.j_symmetry_2 
_ndb_struct_na_base_pair_step.shift 
_ndb_struct_na_base_pair_step.slide 
_ndb_struct_na_base_pair_step.rise 
_ndb_struct_na_base_pair_step.tilt 
_ndb_struct_na_base_pair_step.roll 
_ndb_struct_na_base_pair_step.twist 
_ndb_struct_na_base_pair_step.x_displacement 
_ndb_struct_na_base_pair_step.y_displacement 
_ndb_struct_na_base_pair_step.helical_rise 
_ndb_struct_na_base_pair_step.inclination 
_ndb_struct_na_base_pair_step.tip 
_ndb_struct_na_base_pair_step.helical_twist 
_ndb_struct_na_base_pair_step.step_number 
_ndb_struct_na_base_pair_step.step_name 
_ndb_struct_na_base_pair_step.i_auth_asym_id_1 
_ndb_struct_na_base_pair_step.i_auth_seq_id_1 
_ndb_struct_na_base_pair_step.i_PDB_ins_code_1 
_ndb_struct_na_base_pair_step.j_auth_asym_id_1 
_ndb_struct_na_base_pair_step.j_auth_seq_id_1 
_ndb_struct_na_base_pair_step.j_PDB_ins_code_1 
_ndb_struct_na_base_pair_step.i_auth_asym_id_2 
_ndb_struct_na_base_pair_step.i_auth_seq_id_2 
_ndb_struct_na_base_pair_step.i_PDB_ins_code_2 
_ndb_struct_na_base_pair_step.j_auth_asym_id_2 
_ndb_struct_na_base_pair_step.j_auth_seq_id_2 
_ndb_struct_na_base_pair_step.j_PDB_ins_code_2 
1 A DT 1 1_555 B RMP 7 1_555 A DG 2 1_555 B CMR 6 1_555 -0.686 -0.983 4.176 -9.580 10.597 39.652 -2.762 -0.302 3.860 15.043 13.598 
42.049 1 AA_DT1DG2:CMR14RMP15_BB A 1 ? B 15 ? A 2 ? B 14 ? 
1 A DG 2 1_555 B CMR 6 1_555 A DT 3 1_555 B RMP 5 1_555 -0.470 -0.190 3.557 1.600  -0.374 35.144 -0.255 1.035  3.534 -0.619 -2.648 
35.181 2 AA_DG2DT3:RMP13CMR14_BB A 2 ? B 14 ? A 3 ? B 13 ? 
1 A DT 3 1_555 B RMP 5 1_555 A DT 4 1_555 B RMP 4 1_555 0.283  0.445  3.606 -1.475 14.809 41.527 -0.984 -0.535 3.546 20.125 2.004 
44.002 3 AA_DT3DT4:RMP12RMP13_BB A 3 ? B 13 ? A 4 ? B 12 ? 
1 A DT 4 1_555 B RMP 4 1_555 A DT 5 1_555 B RMP 3 1_555 0.510  0.582  3.207 -5.558 3.373  31.459 0.462  -1.896 3.118 6.139  10.116 
32.107 4 AA_DT4DT5:RMP11RMP12_BB A 4 ? B 12 ? A 5 ? B 11 ? 
1 A DT 5 1_555 B RMP 3 1_555 A DG 6 1_555 B CMR 2 1_555 -0.124 -0.908 3.338 5.067  6.522  27.955 -3.213 1.341  2.986 13.142 
-10.211 29.126 5 AA_DT5DG6:CMR10RMP11_BB A 5 ? B 11 ? A 6 ? B 10 ? 
1 A DG 6 1_555 B CMR 2 1_555 A DG 7 1_555 B DC  1 1_555 0.760  -1.394 3.063 0.157  -2.681 30.485 -2.134 -1.411 3.175 -5.086 -0.297 
30.601 6 AA_DG6DG7:DC9CMR10_BB   A 6 ? B 10 ? A 7 ? B 9  ? 
# 
loop_
_pdbx_nmr_spectrometer.spectrometer_id 
_pdbx_nmr_spectrometer.type 
_pdbx_nmr_spectrometer.manufacturer 
_pdbx_nmr_spectrometer.model 
_pdbx_nmr_spectrometer.field_strength 
1 ? Varian UNITYPLUS 750 
2 ? Varian UNITYPLUS 600 
3 ? Varian UNITYPLUS 400 
# 
_atom_sites.entry_id                    1K1R 
_atom_sites.fract_transf_matrix[1][1]   1.000000 
_atom_sites.fract_transf_matrix[1][2]   0.000000 
_atom_sites.fract_transf_matrix[1][3]   0.000000 
_atom_sites.fract_transf_matrix[2][1]   0.000000 
_atom_sites.fract_transf_matrix[2][2]   1.000000 
_atom_sites.fract_transf_matrix[2][3]   0.000000 
_atom_sites.fract_transf_matrix[3][1]   0.000000 
_atom_sites.fract_transf_matrix[3][2]   0.000000 
_atom_sites.fract_transf_matrix[3][3]   1.000000 
_atom_sites.fract_transf_vector[1]      0.00000 
_atom_sites.fract_transf_vector[2]      0.00000 
_atom_sites.fract_transf_vector[3]      0.00000 
# 
loop_
_atom_type.symbol 
C 
H 
N 
O 
P 
# 
loop_
_atom_site.group_PDB 
_atom_site.id 
_atom_site.type_symbol 
_atom_site.label_atom_id 
_atom_site.label_alt_id 
_atom_site.label_comp_id 
_atom_site.label_asym_id 
_atom_site.label_entity_id 
_atom_site.label_seq_id 
_atom_site.pdbx_PDB_ins_code 
_atom_site.Cartn_x 
_atom_site.Cartn_y 
_atom_site.Cartn_z 
_atom_site.occupancy 
_atom_site.B_iso_or_equiv 
_atom_site.pdbx_formal_charge 
_atom_site.auth_seq_id 
_atom_site.auth_comp_id 
_atom_site.auth_asym_id 
_atom_site.auth_atom_id 
_atom_site.pdbx_PDB_model_num 
ATOM   1   O "O5'"  . DT  A 1 1 ? -1.318  2.790   12.568  1.00 0.00 ? 1  DT  A "O5'"  1 
ATOM   2   C "C5'"  . DT  A 1 1 ? -1.886  3.918   13.201  1.00 0.00 ? 1  DT  A "C5'"  1 
ATOM   3   C "C4'"  . DT  A 1 1 ? -2.083  5.135   12.275  1.00 0.00 ? 1  DT  A "C4'"  1 
ATOM   4   O "O4'"  . DT  A 1 1 ? -0.816  5.588   11.809  1.00 0.00 ? 1  DT  A "O4'"  1 
ATOM   5   C "C3'"  . DT  A 1 1 ? -2.942  4.851   11.029  1.00 0.00 ? 1  DT  A "C3'"  1 
ATOM   6   O "O3'"  . DT  A 1 1 ? -3.832  5.939   10.783  1.00 0.00 ? 1  DT  A "O3'"  1 
ATOM   7   C "C2'"  . DT  A 1 1 ? -1.909  4.746   9.933   1.00 0.00 ? 1  DT  A "C2'"  1 
ATOM   8   C "C1'"  . DT  A 1 1 ? -0.903  5.804   10.420  1.00 0.00 ? 1  DT  A "C1'"  1 
ATOM   9   N N1     . DT  A 1 1 ? 0.420   5.702   9.761   1.00 0.00 ? 1  DT  A N1     1 
ATOM   10  C C2     . DT  A 1 1 ? 0.842   6.773   8.966   1.00 0.00 ? 1  DT  A C2     1 
ATOM   11  O O2     . DT  A 1 1 ? 0.154   7.777   8.735   1.00 0.00 ? 1  DT  A O2     1 
ATOM   12  N N3     . DT  A 1 1 ? 2.081   6.667   8.393   1.00 0.00 ? 1  DT  A N3     1 
ATOM   13  C C4     . DT  A 1 1 ? 2.977   5.627   8.549   1.00 0.00 ? 1  DT  A C4     1 
ATOM   14  O O4     . DT  A 1 1 ? 4.087   5.713   8.040   1.00 0.00 ? 1  DT  A O4     1 
ATOM   15  C C5     . DT  A 1 1 ? 2.459   4.521   9.351   1.00 0.00 ? 1  DT  A C5     1 
ATOM   16  C C7     . DT  A 1 1 ? 3.296   3.259   9.529   1.00 0.00 ? 1  DT  A C7     1 
ATOM   17  C C6     . DT  A 1 1 ? 1.220   4.601   9.928   1.00 0.00 ? 1  DT  A C6     1 
ATOM   18  H "H5'"  . DT  A 1 1 ? -1.241  4.208   14.039  1.00 0.00 ? 1  DT  A "H5'"  1 
ATOM   19  H "H5''" . DT  A 1 1 ? -2.853  3.638   13.615  1.00 0.00 ? 1  DT  A "H5''" 1 
ATOM   20  H "H4'"  . DT  A 1 1 ? -2.552  5.917   12.858  1.00 0.00 ? 1  DT  A "H4'"  1 
ATOM   21  H "H3'"  . DT  A 1 1 ? -3.509  3.931   11.153  1.00 0.00 ? 1  DT  A "H3'"  1 
ATOM   22  H "H2'"  . DT  A 1 1 ? -1.469  3.759   9.938   1.00 0.00 ? 1  DT  A "H2'"  1 
ATOM   23  H "H2''" . DT  A 1 1 ? -2.313  4.992   8.970   1.00 0.00 ? 1  DT  A "H2''" 1 
ATOM   24  H "H1'"  . DT  A 1 1 ? -1.332  6.779   10.239  1.00 0.00 ? 1  DT  A "H1'"  1 
ATOM   25  H H3     . DT  A 1 1 ? 2.343   7.390   7.729   1.00 0.00 ? 1  DT  A H3     1 
ATOM   26  H H71    . DT  A 1 1 ? 3.357   2.735   8.569   1.00 0.00 ? 1  DT  A H71    1 
ATOM   27  H H72    . DT  A 1 1 ? 4.306   3.538   9.847   1.00 0.00 ? 1  DT  A H72    1 
ATOM   28  H H73    . DT  A 1 1 ? 2.846   2.592   10.264  1.00 0.00 ? 1  DT  A H73    1 
ATOM   29  H H6     . DT  A 1 1 ? 0.864   3.781   10.530  1.00 0.00 ? 1  DT  A H6     1 
ATOM   30  H "HO5'" . DT  A 1 1 ? -0.305  2.786   12.655  1.00 0.00 ? 1  DT  A "HO5'" 1 
ATOM   31  P P      . DG  A 1 2 ? -5.120  5.828   9.804   1.00 0.00 ? 2  DG  A P      1 
ATOM   32  O OP1    . DG  A 1 2 ? -6.166  6.747   10.342  1.00 0.00 ? 2  DG  A OP1    1 
ATOM   33  O OP2    . DG  A 1 2 ? -5.465  4.392   9.617   1.00 0.00 ? 2  DG  A OP2    1 
ATOM   34  O "O5'"  . DG  A 1 2 ? -4.650  6.406   8.371   1.00 0.00 ? 2  DG  A "O5'"  1 
ATOM   35  C "C5'"  . DG  A 1 2 ? -4.751  7.782   8.033   1.00 0.00 ? 2  DG  A "C5'"  1 
ATOM   36  C "C4'"  . DG  A 1 2 ? -4.566  8.086   6.534   1.00 0.00 ? 2  DG  A "C4'"  1 
ATOM   37  O "O4'"  . DG  A 1 2 ? -3.201  7.952   6.151   1.00 0.00 ? 2  DG  A "O4'"  1 
ATOM   38  C "C3'"  . DG  A 1 2 ? -5.401  7.194   5.605   1.00 0.00 ? 2  DG  A "C3'"  1 
ATOM   39  O "O3'"  . DG  A 1 2 ? -5.889  8.036   4.583   1.00 0.00 ? 2  DG  A "O3'"  1 
ATOM   40  C "C2'"  . DG  A 1 2 ? -4.361  6.199   5.121   1.00 0.00 ? 2  DG  A "C2'"  1 
ATOM   41  C "C1'"  . DG  A 1 2 ? -3.111  7.065   5.059   1.00 0.00 ? 2  DG  A "C1'"  1 
ATOM   42  N N9     . DG  A 1 2 ? -1.858  6.300   5.172   1.00 0.00 ? 2  DG  A N9     1 
ATOM   43  C C8     . DG  A 1 2 ? -1.540  5.317   6.065   1.00 0.00 ? 2  DG  A C8     1 
ATOM   44  N N7     . DG  A 1 2 ? -0.350  4.806   5.921   1.00 0.00 ? 2  DG  A N7     1 
ATOM   45  C C5     . DG  A 1 2 ? 0.181   5.528   4.849   1.00 0.00 ? 2  DG  A C5     1 
ATOM   46  C C6     . DG  A 1 2 ? 1.460   5.443   4.194   1.00 0.00 ? 2  DG  A C6     1 
ATOM   47  O O6     . DG  A 1 2 ? 2.421   4.719   4.461   1.00 0.00 ? 2  DG  A O6     1 
ATOM   48  N N1     . DG  A 1 2 ? 1.565   6.302   3.111   1.00 0.00 ? 2  DG  A N1     1 
ATOM   49  C C2     . DG  A 1 2 ? 0.594   7.177   2.721   1.00 0.00 ? 2  DG  A C2     1 
ATOM   50  N N2     . DG  A 1 2 ? 0.865   7.890   1.645   1.00 0.00 ? 2  DG  A N2     1 
ATOM   51  N N3     . DG  A 1 2 ? -0.596  7.307   3.337   1.00 0.00 ? 2  DG  A N3     1 
ATOM   52  C C4     . DG  A 1 2 ? -0.743  6.438   4.384   1.00 0.00 ? 2  DG  A C4     1 
ATOM   53  H "H5'"  . DG  A 1 2 ? -4.020  8.342   8.613   1.00 0.00 ? 2  DG  A "H5'"  1 
ATOM   54  H "H5''" . DG  A 1 2 ? -5.744  8.125   8.318   1.00 0.00 ? 2  DG  A "H5''" 1 
ATOM   55  H "H4'"  . DG  A 1 2 ? -4.861  9.128   6.397   1.00 0.00 ? 2  DG  A "H4'"  1 
ATOM   56  H "H3'"  . DG  A 1 2 ? -6.225  6.731   6.142   1.00 0.00 ? 2  DG  A "H3'"  1 
ATOM   57  H "H2'"  . DG  A 1 2 ? -4.274  5.415   5.861   1.00 0.00 ? 2  DG  A "H2'"  1 
ATOM   58  H "H2''" . DG  A 1 2 ? -4.628  5.785   4.163   1.00 0.00 ? 2  DG  A "H2''" 1 
ATOM   59  H "H1'"  . DG  A 1 2 ? -3.131  7.627   4.127   1.00 0.00 ? 2  DG  A "H1'"  1 
ATOM   60  H H8     . DG  A 1 2 ? -2.221  4.978   6.820   1.00 0.00 ? 2  DG  A H8     1 
ATOM   61  H H1     . DG  A 1 2 ? 2.445   6.268   2.596   1.00 0.00 ? 2  DG  A H1     1 
ATOM   62  H H21    . DG  A 1 2 ? 1.746   7.752   1.128   1.00 0.00 ? 2  DG  A H21    1 
ATOM   63  H H22    . DG  A 1 2 ? 0.140   8.497   1.300   1.00 0.00 ? 2  DG  A H22    1 
ATOM   64  P P      . DT  A 1 3 ? -6.864  7.591   3.393   1.00 0.00 ? 3  DT  A P      1 
ATOM   65  O OP1    . DT  A 1 3 ? -7.874  8.668   3.243   1.00 0.00 ? 3  DT  A OP1    1 
ATOM   66  O OP2    . DT  A 1 3 ? -7.349  6.198   3.621   1.00 0.00 ? 3  DT  A OP2    1 
ATOM   67  O "O5'"  . DT  A 1 3 ? -5.908  7.592   2.107   1.00 0.00 ? 3  DT  A "O5'"  1 
ATOM   68  C "C5'"  . DT  A 1 3 ? -5.306  8.801   1.661   1.00 0.00 ? 3  DT  A "C5'"  1 
ATOM   69  C "C4'"  . DT  A 1 3 ? -4.252  8.589   0.568   1.00 0.00 ? 3  DT  A "C4'"  1 
ATOM   70  O "O4'"  . DT  A 1 3 ? -3.184  7.808   1.090   1.00 0.00 ? 3  DT  A "O4'"  1 
ATOM   71  C "C3'"  . DT  A 1 3 ? -4.795  7.882   -0.681  1.00 0.00 ? 3  DT  A "C3'"  1 
ATOM   72  O "O3'"  . DT  A 1 3 ? -4.324  8.545   -1.848  1.00 0.00 ? 3  DT  A "O3'"  1 
ATOM   73  C "C2'"  . DT  A 1 3 ? -4.200  6.486   -0.529  1.00 0.00 ? 3  DT  A "C2'"  1 
ATOM   74  C "C1'"  . DT  A 1 3 ? -2.864  6.818   0.133   1.00 0.00 ? 3  DT  A "C1'"  1 
ATOM   75  N N1     . DT  A 1 3 ? -2.237  5.646   0.795   1.00 0.00 ? 3  DT  A N1     1 
ATOM   76  C C2     . DT  A 1 3 ? -0.940  5.280   0.413   1.00 0.00 ? 3  DT  A C2     1 
ATOM   77  O O2     . DT  A 1 3 ? -0.298  5.831   -0.489  1.00 0.00 ? 3  DT  A O2     1 
ATOM   78  N N3     . DT  A 1 3 ? -0.374  4.244   1.122   1.00 0.00 ? 3  DT  A N3     1 
ATOM   79  C C4     . DT  A 1 3 ? -0.951  3.551   2.173   1.00 0.00 ? 3  DT  A C4     1 
ATOM   80  O O4     . DT  A 1 3 ? -0.281  2.731   2.802   1.00 0.00 ? 3  DT  A O4     1 
ATOM   81  C C5     . DT  A 1 3 ? -2.331  3.925   2.452   1.00 0.00 ? 3  DT  A C5     1 
ATOM   82  C C7     . DT  A 1 3 ? -3.119  3.172   3.508   1.00 0.00 ? 3  DT  A C7     1 
ATOM   83  C C6     . DT  A 1 3 ? -2.914  4.954   1.780   1.00 0.00 ? 3  DT  A C6     1 
ATOM   84  H "H5'"  . DT  A 1 3 ? -4.822  9.290   2.505   1.00 0.00 ? 3  DT  A "H5'"  1 
ATOM   85  H "H5''" . DT  A 1 3 ? -6.083  9.463   1.280   1.00 0.00 ? 3  DT  A "H5''" 1 
ATOM   86  H "H4'"  . DT  A 1 3 ? -3.865  9.564   0.275   1.00 0.00 ? 3  DT  A "H4'"  1 
ATOM   87  H "H3'"  . DT  A 1 3 ? -5.886  7.852   -0.664  1.00 0.00 ? 3  DT  A "H3'"  1 
ATOM   88  H "H2'"  . DT  A 1 3 ? -4.840  5.898   0.128   1.00 0.00 ? 3  DT  A "H2'"  1 
ATOM   89  H "H2''" . DT  A 1 3 ? -4.061  5.973   -1.478  1.00 0.00 ? 3  DT  A "H2''" 1 
ATOM   90  H "H1'"  . DT  A 1 3 ? -2.194  7.246   -0.621  1.00 0.00 ? 3  DT  A "H1'"  1 
ATOM   91  H H3     . DT  A 1 3 ? 0.554   3.973   0.813   1.00 0.00 ? 3  DT  A H3     1 
ATOM   92  H H71    . DT  A 1 3 ? -2.903  2.105   3.428   1.00 0.00 ? 3  DT  A H71    1 
ATOM   93  H H72    . DT  A 1 3 ? -2.832  3.509   4.500   1.00 0.00 ? 3  DT  A H72    1 
ATOM   94  H H73    . DT  A 1 3 ? -4.188  3.316   3.366   1.00 0.00 ? 3  DT  A H73    1 
ATOM   95  H H6     . DT  A 1 3 ? -3.923  5.253   2.025   1.00 0.00 ? 3  DT  A H6     1 
ATOM   96  P P      . DT  A 1 4 ? -4.694  8.032   -3.322  1.00 0.00 ? 4  DT  A P      1 
ATOM   97  O OP1    . DT  A 1 4 ? -4.683  9.193   -4.253  1.00 0.00 ? 4  DT  A OP1    1 
ATOM   98  O OP2    . DT  A 1 4 ? -5.926  7.190   -3.279  1.00 0.00 ? 4  DT  A OP2    1 
ATOM   99  O "O5'"  . DT  A 1 4 ? -3.469  7.106   -3.759  1.00 0.00 ? 4  DT  A "O5'"  1 
ATOM   100 C "C5'"  . DT  A 1 4 ? -2.200  7.690   -4.034  1.00 0.00 ? 4  DT  A "C5'"  1 
ATOM   101 C "C4'"  . DT  A 1 4 ? -1.245  6.754   -4.770  1.00 0.00 ? 4  DT  A "C4'"  1 
ATOM   102 O "O4'"  . DT  A 1 4 ? -0.844  5.712   -3.903  1.00 0.00 ? 4  DT  A "O4'"  1 
ATOM   103 C "C3'"  . DT  A 1 4 ? -1.872  6.144   -6.033  1.00 0.00 ? 4  DT  A "C3'"  1 
ATOM   104 O "O3'"  . DT  A 1 4 ? -0.945  6.196   -7.110  1.00 0.00 ? 4  DT  A "O3'"  1 
ATOM   105 C "C2'"  . DT  A 1 4 ? -2.198  4.723   -5.584  1.00 0.00 ? 4  DT  A "C2'"  1 
ATOM   106 C "C1'"  . DT  A 1 4 ? -1.150  4.467   -4.494  1.00 0.00 ? 4  DT  A "C1'"  1 
ATOM   107 N N1     . DT  A 1 4 ? -1.555  3.554   -3.387  1.00 0.00 ? 4  DT  A N1     1 
ATOM   108 C C2     . DT  A 1 4 ? -0.589  2.660   -2.913  1.00 0.00 ? 4  DT  A C2     1 
ATOM   109 O O2     . DT  A 1 4 ? 0.526   2.516   -3.419  1.00 0.00 ? 4  DT  A O2     1 
ATOM   110 N N3     . DT  A 1 4 ? -0.941  1.903   -1.814  1.00 0.00 ? 4  DT  A N3     1 
ATOM   111 C C4     . DT  A 1 4 ? -2.149  1.936   -1.147  1.00 0.00 ? 4  DT  A C4     1 
ATOM   112 O O4     . DT  A 1 4 ? -2.319  1.210   -0.165  1.00 0.00 ? 4  DT  A O4     1 
ATOM   113 C C5     . DT  A 1 4 ? -3.116  2.872   -1.703  1.00 0.00 ? 4  DT  A C5     1 
ATOM   114 C C7     . DT  A 1 4 ? -4.496  2.980   -1.080  1.00 0.00 ? 4  DT  A C7     1 
ATOM   115 C C6     . DT  A 1 4 ? -2.793  3.648   -2.776  1.00 0.00 ? 4  DT  A C6     1 
ATOM   116 H "H5'"  . DT  A 1 4 ? -1.733  8.014   -3.103  1.00 0.00 ? 4  DT  A "H5'"  1 
ATOM   117 H "H5''" . DT  A 1 4 ? -2.329  8.558   -4.679  1.00 0.00 ? 4  DT  A "H5''" 1 
ATOM   118 H "H4'"  . DT  A 1 4 ? -0.369  7.337   -5.053  1.00 0.00 ? 4  DT  A "H4'"  1 
ATOM   119 H "H3'"  . DT  A 1 4 ? -2.786  6.675   -6.301  1.00 0.00 ? 4  DT  A "H3'"  1 
ATOM   120 H "H2'"  . DT  A 1 4 ? -3.210  4.711   -5.191  1.00 0.00 ? 4  DT  A "H2'"  1 
ATOM   121 H "H2''" . DT  A 1 4 ? -2.110  4.005   -6.397  1.00 0.00 ? 4  DT  A "H2''" 1 
ATOM   122 H "H1'"  . DT  A 1 4 ? -0.248  4.090   -4.985  1.00 0.00 ? 4  DT  A "H1'"  1 
ATOM   123 H H3     . DT  A 1 4 ? -0.234  1.249   -1.495  1.00 0.00 ? 4  DT  A H3     1 
ATOM   124 H H71    . DT  A 1 4 ? -5.085  3.763   -1.555  1.00 0.00 ? 4  DT  A H71    1 
ATOM   125 H H72    . DT  A 1 4 ? -5.016  2.030   -1.207  1.00 0.00 ? 4  DT  A H72    1 
ATOM   126 H H73    . DT  A 1 4 ? -4.405  3.195   -0.016  1.00 0.00 ? 4  DT  A H73    1 
ATOM   127 H H6     . DT  A 1 4 ? -3.520  4.360   -3.142  1.00 0.00 ? 4  DT  A H6     1 
ATOM   128 P P      . DT  A 1 5 ? -1.364  5.847   -8.634  1.00 0.00 ? 5  DT  A P      1 
ATOM   129 O OP1    . DT  A 1 5 ? -0.456  6.652   -9.505  1.00 0.00 ? 5  DT  A OP1    1 
ATOM   130 O OP2    . DT  A 1 5 ? -2.833  6.028   -8.805  1.00 0.00 ? 5  DT  A OP2    1 
ATOM   131 O "O5'"  . DT  A 1 5 ? -1.003  4.285   -8.782  1.00 0.00 ? 5  DT  A "O5'"  1 
ATOM   132 C "C5'"  . DT  A 1 5 ? 0.357   3.864   -8.765  1.00 0.00 ? 5  DT  A "C5'"  1 
ATOM   133 C "C4'"  . DT  A 1 5 ? 0.555   2.424   -8.277  1.00 0.00 ? 5  DT  A "C4'"  1 
ATOM   134 O "O4'"  . DT  A 1 5 ? -0.092  2.215   -7.035  1.00 0.00 ? 5  DT  A "O4'"  1 
ATOM   135 C "C3'"  . DT  A 1 5 ? 0.078   1.317   -9.229  1.00 0.00 ? 5  DT  A "C3'"  1 
ATOM   136 O "O3'"  . DT  A 1 5 ? 1.205   0.755   -9.895  1.00 0.00 ? 5  DT  A "O3'"  1 
ATOM   137 C "C2'"  . DT  A 1 5 ? -0.608  0.329   -8.275  1.00 0.00 ? 5  DT  A "C2'"  1 
ATOM   138 C "C1'"  . DT  A 1 5 ? -0.192  0.817   -6.888  1.00 0.00 ? 5  DT  A "C1'"  1 
ATOM   139 N N1     . DT  A 1 5 ? -1.164  0.456   -5.822  1.00 0.00 ? 5  DT  A N1     1 
ATOM   140 C C2     . DT  A 1 5 ? -0.772  -0.478  -4.857  1.00 0.00 ? 5  DT  A C2     1 
ATOM   141 O O2     . DT  A 1 5 ? 0.315   -1.059  -4.866  1.00 0.00 ? 5  DT  A O2     1 
ATOM   142 N N3     . DT  A 1 5 ? -1.680  -0.745  -3.858  1.00 0.00 ? 5  DT  A N3     1 
ATOM   143 C C4     . DT  A 1 5 ? -2.959  -0.238  -3.755  1.00 0.00 ? 5  DT  A C4     1 
ATOM   144 O O4     . DT  A 1 5 ? -3.678  -0.625  -2.831  1.00 0.00 ? 5  DT  A O4     1 
ATOM   145 C C5     . DT  A 1 5 ? -3.306  0.730   -4.797  1.00 0.00 ? 5  DT  A C5     1 
ATOM   146 C C7     . DT  A 1 5 ? -4.663  1.411   -4.806  1.00 0.00 ? 5  DT  A C7     1 
ATOM   147 C C6     . DT  A 1 5 ? -2.417  1.036   -5.779  1.00 0.00 ? 5  DT  A C6     1 
ATOM   148 H "H5'"  . DT  A 1 5 ? 0.919   4.503   -8.084  1.00 0.00 ? 5  DT  A "H5'"  1 
ATOM   149 H "H5''" . DT  A 1 5 ? 0.785   3.975   -9.763  1.00 0.00 ? 5  DT  A "H5''" 1 
ATOM   150 H "H4'"  . DT  A 1 5 ? 1.625   2.276   -8.123  1.00 0.00 ? 5  DT  A "H4'"  1 
ATOM   151 H "H3'"  . DT  A 1 5 ? -0.639  1.721   -9.947  1.00 0.00 ? 5  DT  A "H3'"  1 
ATOM   152 H "H2'"  . DT  A 1 5 ? -1.688  0.401   -8.399  1.00 0.00 ? 5  DT  A "H2'"  1 
ATOM   153 H "H2''" . DT  A 1 5 ? -0.282  -0.697  -8.426  1.00 0.00 ? 5  DT  A "H2''" 1 
ATOM   154 H "H1'"  . DT  A 1 5 ? 0.799   0.418   -6.653  1.00 0.00 ? 5  DT  A "H1'"  1 
ATOM   155 H H3     . DT  A 1 5 ? -1.387  -1.412  -3.153  1.00 0.00 ? 5  DT  A H3     1 
ATOM   156 H H71    . DT  A 1 5 ? -4.546  2.477   -5.005  1.00 0.00 ? 5  DT  A H71    1 
ATOM   157 H H72    . DT  A 1 5 ? -5.282  0.969   -5.586  1.00 0.00 ? 5  DT  A H72    1 
ATOM   158 H H73    . DT  A 1 5 ? -5.160  1.290   -3.843  1.00 0.00 ? 5  DT  A H73    1 
ATOM   159 H H6     . DT  A 1 5 ? -2.689  1.749   -6.545  1.00 0.00 ? 5  DT  A H6     1 
ATOM   160 P P      . DG  A 1 6 ? 1.065   -0.271  -11.127 1.00 0.00 ? 6  DG  A P      1 
ATOM   161 O OP1    . DG  A 1 6 ? 2.344   -0.223  -11.901 1.00 0.00 ? 6  DG  A OP1    1 
ATOM   162 O OP2    . DG  A 1 6 ? -0.221  0.003   -11.825 1.00 0.00 ? 6  DG  A OP2    1 
ATOM   163 O "O5'"  . DG  A 1 6 ? 0.909   -1.711  -10.410 1.00 0.00 ? 6  DG  A "O5'"  1 
ATOM   164 C "C5'"  . DG  A 1 6 ? 2.001   -2.317  -9.730  1.00 0.00 ? 6  DG  A "C5'"  1 
ATOM   165 C "C4'"  . DG  A 1 6 ? 1.629   -3.558  -8.898  1.00 0.00 ? 6  DG  A "C4'"  1 
ATOM   166 O "O4'"  . DG  A 1 6 ? 0.907   -3.218  -7.715  1.00 0.00 ? 6  DG  A "O4'"  1 
ATOM   167 C "C3'"  . DG  A 1 6 ? 0.841   -4.662  -9.629  1.00 0.00 ? 6  DG  A "C3'"  1 
ATOM   168 O "O3'"  . DG  A 1 6 ? 1.673   -5.822  -9.701  1.00 0.00 ? 6  DG  A "O3'"  1 
ATOM   169 C "C2'"  . DG  A 1 6 ? -0.388  -4.810  -8.722  1.00 0.00 ? 6  DG  A "C2'"  1 
ATOM   170 C "C1'"  . DG  A 1 6 ? 0.126   -4.346  -7.361  1.00 0.00 ? 6  DG  A "C1'"  1 
ATOM   171 N N9     . DG  A 1 6 ? -0.979  -4.003  -6.426  1.00 0.00 ? 6  DG  A N9     1 
ATOM   172 C C8     . DG  A 1 6 ? -2.040  -3.165  -6.671  1.00 0.00 ? 6  DG  A C8     1 
ATOM   173 N N7     . DG  A 1 6 ? -2.942  -3.137  -5.732  1.00 0.00 ? 6  DG  A N7     1 
ATOM   174 C C5     . DG  A 1 6 ? -2.434  -4.017  -4.772  1.00 0.00 ? 6  DG  A C5     1 
ATOM   175 C C6     . DG  A 1 6 ? -2.978  -4.417  -3.505  1.00 0.00 ? 6  DG  A C6     1 
ATOM   176 O O6     . DG  A 1 6 ? -4.040  -4.084  -2.977  1.00 0.00 ? 6  DG  A O6     1 
ATOM   177 N N1     . DG  A 1 6 ? -2.171  -5.304  -2.815  1.00 0.00 ? 6  DG  A N1     1 
ATOM   178 C C2     . DG  A 1 6 ? -0.981  -5.770  -3.284  1.00 0.00 ? 6  DG  A C2     1 
ATOM   179 N N2     . DG  A 1 6 ? -0.327  -6.571  -2.468  1.00 0.00 ? 6  DG  A N2     1 
ATOM   180 N N3     . DG  A 1 6 ? -0.433  -5.428  -4.464  1.00 0.00 ? 6  DG  A N3     1 
ATOM   181 C C4     . DG  A 1 6 ? -1.218  -4.541  -5.171  1.00 0.00 ? 6  DG  A C4     1 
ATOM   182 H "H5'"  . DG  A 1 6 ? 2.452   -1.585  -9.056  1.00 0.00 ? 6  DG  A "H5'"  1 
ATOM   183 H "H5''" . DG  A 1 6 ? 2.751   -2.605  -10.468 1.00 0.00 ? 6  DG  A "H5''" 1 
ATOM   184 H "H4'"  . DG  A 1 6 ? 2.569   -4.004  -8.578  1.00 0.00 ? 6  DG  A "H4'"  1 
ATOM   185 H "H3'"  . DG  A 1 6 ? 0.539   -4.344  -10.627 1.00 0.00 ? 6  DG  A "H3'"  1 
ATOM   186 H "H2'"  . DG  A 1 6 ? -1.163  -4.137  -9.085  1.00 0.00 ? 6  DG  A "H2'"  1 
ATOM   187 H "H2''" . DG  A 1 6 ? -0.786  -5.821  -8.677  1.00 0.00 ? 6  DG  A "H2''" 1 
ATOM   188 H "H1'"  . DG  A 1 6 ? 0.755   -5.125  -6.926  1.00 0.00 ? 6  DG  A "H1'"  1 
ATOM   189 H H8     . DG  A 1 6 ? -2.127  -2.584  -7.579  1.00 0.00 ? 6  DG  A H8     1 
ATOM   190 H H1     . DG  A 1 6 ? -2.452  -5.568  -1.876  1.00 0.00 ? 6  DG  A H1     1 
ATOM   191 H H21    . DG  A 1 6 ? -0.681  -6.770  -1.528  1.00 0.00 ? 6  DG  A H21    1 
ATOM   192 H H22    . DG  A 1 6 ? 0.513   -6.995  -2.806  1.00 0.00 ? 6  DG  A H22    1 
ATOM   193 P P      . DG  A 1 7 ? 1.152   -7.276  -10.154 1.00 0.00 ? 7  DG  A P      1 
ATOM   194 O OP1    . DG  A 1 7 ? 2.337   -8.081  -10.545 1.00 0.00 ? 7  DG  A OP1    1 
ATOM   195 O OP2    . DG  A 1 7 ? 0.015   -7.125  -11.112 1.00 0.00 ? 7  DG  A OP2    1 
ATOM   196 O "O5'"  . DG  A 1 7 ? 0.609   -7.900  -8.784  1.00 0.00 ? 7  DG  A "O5'"  1 
ATOM   197 C "C5'"  . DG  A 1 7 ? 1.497   -8.281  -7.735  1.00 0.00 ? 7  DG  A "C5'"  1 
ATOM   198 C "C4'"  . DG  A 1 7 ? 0.800   -9.187  -6.714  1.00 0.00 ? 7  DG  A "C4'"  1 
ATOM   199 O "O4'"  . DG  A 1 7 ? -0.076  -8.423  -5.901  1.00 0.00 ? 7  DG  A "O4'"  1 
ATOM   200 C "C3'"  . DG  A 1 7 ? -0.005  -10.305 -7.411  1.00 0.00 ? 7  DG  A "C3'"  1 
ATOM   201 O "O3'"  . DG  A 1 7 ? 0.364   -11.616 -6.974  1.00 0.00 ? 7  DG  A "O3'"  1 
ATOM   202 C "C2'"  . DG  A 1 7 ? -1.429  -9.893  -7.059  1.00 0.00 ? 7  DG  A "C2'"  1 
ATOM   203 C "C1'"  . DG  A 1 7 ? -1.253  -9.178  -5.721  1.00 0.00 ? 7  DG  A "C1'"  1 
ATOM   204 N N9     . DG  A 1 7 ? -2.392  -8.288  -5.414  1.00 0.00 ? 7  DG  A N9     1 
ATOM   205 C C8     . DG  A 1 7 ? -3.023  -7.413  -6.264  1.00 0.00 ? 7  DG  A C8     1 
ATOM   206 N N7     . DG  A 1 7 ? -4.115  -6.894  -5.779  1.00 0.00 ? 7  DG  A N7     1 
ATOM   207 C C5     . DG  A 1 7 ? -4.198  -7.436  -4.496  1.00 0.00 ? 7  DG  A C5     1 
ATOM   208 C C6     . DG  A 1 7 ? -5.192  -7.269  -3.478  1.00 0.00 ? 7  DG  A C6     1 
ATOM   209 O O6     . DG  A 1 7 ? -6.265  -6.659  -3.539  1.00 0.00 ? 7  DG  A O6     1 
ATOM   210 N N1     . DG  A 1 7 ? -4.860  -7.904  -2.292  1.00 0.00 ? 7  DG  A N1     1 
ATOM   211 C C2     . DG  A 1 7 ? -3.739  -8.657  -2.116  1.00 0.00 ? 7  DG  A C2     1 
ATOM   212 N N2     . DG  A 1 7 ? -3.545  -9.130  -0.905  1.00 0.00 ? 7  DG  A N2     1 
ATOM   213 N N3     . DG  A 1 7 ? -2.835  -8.908  -3.068  1.00 0.00 ? 7  DG  A N3     1 
ATOM   214 C C4     . DG  A 1 7 ? -3.114  -8.255  -4.241  1.00 0.00 ? 7  DG  A C4     1 
ATOM   215 H "H5'"  . DG  A 1 7 ? 1.887   -7.395  -7.233  1.00 0.00 ? 7  DG  A "H5'"  1 
ATOM   216 H "H5''" . DG  A 1 7 ? 2.334   -8.843  -8.149  1.00 0.00 ? 7  DG  A "H5''" 1 
ATOM   217 H "H4'"  . DG  A 1 7 ? 1.550   -9.628  -6.061  1.00 0.00 ? 7  DG  A "H4'"  1 
ATOM   218 H "H3'"  . DG  A 1 7 ? 0.119   -10.242 -8.490  1.00 0.00 ? 7  DG  A "H3'"  1 
ATOM   219 H "H2'"  . DG  A 1 7 ? -1.777  -9.199  -7.825  1.00 0.00 ? 7  DG  A "H2'"  1 
ATOM   220 H "H2''" . DG  A 1 7 ? -2.113  -10.730 -6.990  1.00 0.00 ? 7  DG  A "H2''" 1 
ATOM   221 H "H1'"  . DG  A 1 7 ? -1.119  -9.911  -4.921  1.00 0.00 ? 7  DG  A "H1'"  1 
ATOM   222 H H8     . DG  A 1 7 ? -2.653  -7.197  -7.259  1.00 0.00 ? 7  DG  A H8     1 
ATOM   223 H H1     . DG  A 1 7 ? -5.457  -7.803  -1.480  1.00 0.00 ? 7  DG  A H1     1 
ATOM   224 H H21    . DG  A 1 7 ? -4.173  -8.895  -0.138  1.00 0.00 ? 7  DG  A H21    1 
ATOM   225 H H22    . DG  A 1 7 ? -2.675  -9.623  -0.748  1.00 0.00 ? 7  DG  A H22    1 
ATOM   226 P P      . DC  A 1 8 ? -0.431  -12.946 -7.462  1.00 0.00 ? 8  DC  A P      1 
ATOM   227 O OP1    . DC  A 1 8 ? 0.534   -14.076 -7.451  1.00 0.00 ? 8  DC  A OP1    1 
ATOM   228 O OP2    . DC  A 1 8 ? -1.169  -12.628 -8.728  1.00 0.00 ? 8  DC  A OP2    1 
ATOM   229 O "O5'"  . DC  A 1 8 ? -1.503  -13.182 -6.281  1.00 0.00 ? 8  DC  A "O5'"  1 
ATOM   230 C "C5'"  . DC  A 1 8 ? -1.078  -13.513 -4.959  1.00 0.00 ? 8  DC  A "C5'"  1 
ATOM   231 C "C4'"  . DC  A 1 8 ? -2.244  -13.722 -3.975  1.00 0.00 ? 8  DC  A "C4'"  1 
ATOM   232 O "O4'"  . DC  A 1 8 ? -2.951  -12.509 -3.777  1.00 0.00 ? 8  DC  A "O4'"  1 
ATOM   233 C "C3'"  . DC  A 1 8 ? -3.242  -14.792 -4.440  1.00 0.00 ? 8  DC  A "C3'"  1 
ATOM   234 O "O3'"  . DC  A 1 8 ? -3.122  -15.975 -3.660  1.00 0.00 ? 8  DC  A "O3'"  1 
ATOM   235 C "C2'"  . DC  A 1 8 ? -4.612  -14.143 -4.248  1.00 0.00 ? 8  DC  A "C2'"  1 
ATOM   236 C "C1'"  . DC  A 1 8 ? -4.338  -12.767 -3.626  1.00 0.00 ? 8  DC  A "C1'"  1 
ATOM   237 N N1     . DC  A 1 8 ? -5.096  -11.691 -4.327  1.00 0.00 ? 8  DC  A N1     1 
ATOM   238 C C2     . DC  A 1 8 ? -6.315  -11.229 -3.810  1.00 0.00 ? 8  DC  A C2     1 
ATOM   239 O O2     . DC  A 1 8 ? -6.850  -11.754 -2.826  1.00 0.00 ? 8  DC  A O2     1 
ATOM   240 N N3     . DC  A 1 8 ? -6.990  -10.222 -4.431  1.00 0.00 ? 8  DC  A N3     1 
ATOM   241 C C4     . DC  A 1 8 ? -6.492  -9.727  -5.562  1.00 0.00 ? 8  DC  A C4     1 
ATOM   242 N N4     . DC  A 1 8 ? -7.185  -8.803  -6.183  1.00 0.00 ? 8  DC  A N4     1 
ATOM   243 C C5     . DC  A 1 8 ? -5.286  -10.199 -6.153  1.00 0.00 ? 8  DC  A C5     1 
ATOM   244 C C6     . DC  A 1 8 ? -4.624  -11.192 -5.514  1.00 0.00 ? 8  DC  A C6     1 
ATOM   245 H "H5'"  . DC  A 1 8 ? -0.438  -12.719 -4.577  1.00 0.00 ? 8  DC  A "H5'"  1 
ATOM   246 H "H5''" . DC  A 1 8 ? -0.492  -14.433 -4.999  1.00 0.00 ? 8  DC  A "H5''" 1 
ATOM   247 H "H4'"  . DC  A 1 8 ? -1.834  -14.029 -3.010  1.00 0.00 ? 8  DC  A "H4'"  1 
ATOM   248 H "H3'"  . DC  A 1 8 ? -3.093  -15.017 -5.499  1.00 0.00 ? 8  DC  A "H3'"  1 
ATOM   249 H "HO3'" . DC  A 1 8 ? -2.213  -16.372 -3.817  1.00 0.00 ? 8  DC  A "HO3'" 1 
ATOM   250 H "H2'"  . DC  A 1 8 ? -5.094  -14.046 -5.221  1.00 0.00 ? 8  DC  A "H2'"  1 
ATOM   251 H "H2''" . DC  A 1 8 ? -5.246  -14.736 -3.588  1.00 0.00 ? 8  DC  A "H2''" 1 
ATOM   252 H "H1'"  . DC  A 1 8 ? -4.592  -12.793 -2.563  1.00 0.00 ? 8  DC  A "H1'"  1 
ATOM   253 H H41    . DC  A 1 8 ? -8.054  -8.491  -5.791  1.00 0.00 ? 8  DC  A H41    1 
ATOM   254 H H42    . DC  A 1 8 ? -6.825  -8.453  -7.074  1.00 0.00 ? 8  DC  A H42    1 
ATOM   255 H H5     . DC  A 1 8 ? -4.904  -9.813  -7.086  1.00 0.00 ? 8  DC  A H5     1 
ATOM   256 H H6     . DC  A 1 8 ? -3.718  -11.621 -5.919  1.00 0.00 ? 8  DC  A H6     1 
ATOM   257 O "O5'"  . DC  B 2 1 ? -10.033 -7.359  5.199   1.00 0.00 ? 9  DC  B "O5'"  1 
ATOM   258 C "C5'"  . DC  B 2 1 ? -9.415  -8.275  6.100   1.00 0.00 ? 9  DC  B "C5'"  1 
ATOM   259 C "C4'"  . DC  B 2 1 ? -7.939  -8.583  5.783   1.00 0.00 ? 9  DC  B "C4'"  1 
ATOM   260 O "O4'"  . DC  B 2 1 ? -7.791  -8.996  4.424   1.00 0.00 ? 9  DC  B "O4'"  1 
ATOM   261 C "C3'"  . DC  B 2 1 ? -6.970  -7.423  6.060   1.00 0.00 ? 9  DC  B "C3'"  1 
ATOM   262 O "O3'"  . DC  B 2 1 ? -5.909  -7.920  6.866   1.00 0.00 ? 9  DC  B "O3'"  1 
ATOM   263 C "C2'"  . DC  B 2 1 ? -6.538  -7.014  4.654   1.00 0.00 ? 9  DC  B "C2'"  1 
ATOM   264 C "C1'"  . DC  B 2 1 ? -6.703  -8.298  3.830   1.00 0.00 ? 9  DC  B "C1'"  1 
ATOM   265 N N1     . DC  B 2 1 ? -7.041  -7.972  2.415   1.00 0.00 ? 9  DC  B N1     1 
ATOM   266 C C2     . DC  B 2 1 ? -6.136  -8.228  1.368   1.00 0.00 ? 9  DC  B C2     1 
ATOM   267 O O2     . DC  B 2 1 ? -5.082  -8.850  1.544   1.00 0.00 ? 9  DC  B O2     1 
ATOM   268 N N3     . DC  B 2 1 ? -6.411  -7.782  0.112   1.00 0.00 ? 9  DC  B N3     1 
ATOM   269 C C4     . DC  B 2 1 ? -7.566  -7.174  -0.111  1.00 0.00 ? 9  DC  B C4     1 
ATOM   270 N N4     . DC  B 2 1 ? -7.810  -6.766  -1.324  1.00 0.00 ? 9  DC  B N4     1 
ATOM   271 C C5     . DC  B 2 1 ? -8.566  -7.009  0.884   1.00 0.00 ? 9  DC  B C5     1 
ATOM   272 C C6     . DC  B 2 1 ? -8.253  -7.383  2.143   1.00 0.00 ? 9  DC  B C6     1 
ATOM   273 H "H5'"  . DC  B 2 1 ? -9.969  -9.214  6.068   1.00 0.00 ? 9  DC  B "H5'"  1 
ATOM   274 H "H5''" . DC  B 2 1 ? -9.485  -7.885  7.117   1.00 0.00 ? 9  DC  B "H5''" 1 
ATOM   275 H "H4'"  . DC  B 2 1 ? -7.637  -9.413  6.424   1.00 0.00 ? 9  DC  B "H4'"  1 
ATOM   276 H "H3'"  . DC  B 2 1 ? -7.474  -6.597  6.566   1.00 0.00 ? 9  DC  B "H3'"  1 
ATOM   277 H "H2'"  . DC  B 2 1 ? -7.212  -6.233  4.299   1.00 0.00 ? 9  DC  B "H2'"  1 
ATOM   278 H "H2''" . DC  B 2 1 ? -5.516  -6.647  4.621   1.00 0.00 ? 9  DC  B "H2''" 1 
ATOM   279 H "H1'"  . DC  B 2 1 ? -5.788  -8.897  3.897   1.00 0.00 ? 9  DC  B "H1'"  1 
ATOM   280 H H41    . DC  B 2 1 ? -7.089  -6.782  -2.038  1.00 0.00 ? 9  DC  B H41    1 
ATOM   281 H H42    . DC  B 2 1 ? -8.711  -6.346  -1.519  1.00 0.00 ? 9  DC  B H42    1 
ATOM   282 H H5     . DC  B 2 1 ? -9.509  -6.523  0.680   1.00 0.00 ? 9  DC  B H5     1 
ATOM   283 H H6     . DC  B 2 1 ? -8.969  -7.228  2.941   1.00 0.00 ? 9  DC  B H6     1 
ATOM   284 H "HO5'" . DC  B 2 1 ? -9.737  -6.397  5.401   1.00 0.00 ? 9  DC  B "HO5'" 1 
HETATM 285 P P      . CMR B 2 2 ? -4.674  -7.019  7.389   1.00 0.00 ? 10 CMR B P      1 
HETATM 286 C CMP    . CMR B 2 2 ? -5.122  -5.282  7.539   1.00 0.00 ? 10 CMR B CMP    1 
HETATM 287 O OP1    . CMR B 2 2 ? -4.154  -7.674  8.573   1.00 0.00 ? 10 CMR B OP1    1 
HETATM 288 O "O5'"  . CMR B 2 2 ? -3.571  -7.270  6.240   1.00 0.00 ? 10 CMR B "O5'"  1 
HETATM 289 C "C5'"  . CMR B 2 2 ? -3.050  -8.578  6.046   1.00 0.00 ? 10 CMR B "C5'"  1 
HETATM 290 C "C4'"  . CMR B 2 2 ? -1.896  -8.634  5.039   1.00 0.00 ? 10 CMR B "C4'"  1 
HETATM 291 O "O4'"  . CMR B 2 2 ? -2.368  -8.316  3.741   1.00 0.00 ? 10 CMR B "O4'"  1 
HETATM 292 C "C1'"  . CMR B 2 2 ? -1.464  -7.439  3.098   1.00 0.00 ? 10 CMR B "C1'"  1 
HETATM 293 N N1     . CMR B 2 2 ? -2.266  -6.578  2.175   1.00 0.00 ? 10 CMR B N1     1 
HETATM 294 C C6     . CMR B 2 2 ? -3.383  -5.936  2.655   1.00 0.00 ? 10 CMR B C6     1 
HETATM 295 C C5     . CMR B 2 2 ? -4.252  -5.328  1.812   1.00 0.00 ? 10 CMR B C5     1 
HETATM 296 C C4     . CMR B 2 2 ? -3.933  -5.347  0.424   1.00 0.00 ? 10 CMR B C4     1 
HETATM 297 N N4     . CMR B 2 2 ? -4.764  -4.803  -0.432  1.00 0.00 ? 10 CMR B N4     1 
HETATM 298 N N3     . CMR B 2 2 ? -2.834  -5.915  -0.063  1.00 0.00 ? 10 CMR B N3     1 
HETATM 299 C C2     . CMR B 2 2 ? -1.988  -6.552  0.795   1.00 0.00 ? 10 CMR B C2     1 
HETATM 300 O O2     . CMR B 2 2 ? -0.985  -7.089  0.307   1.00 0.00 ? 10 CMR B O2     1 
HETATM 301 C "C3'"  . CMR B 2 2 ? -0.743  -7.685  5.395   1.00 0.00 ? 10 CMR B "C3'"  1 
HETATM 302 C "C2'"  . CMR B 2 2 ? -0.787  -6.679  4.243   1.00 0.00 ? 10 CMR B "C2'"  1 
HETATM 303 O "O3'"  . CMR B 2 2 ? 0.447   -8.458  5.473   1.00 0.00 ? 10 CMR B "O3'"  1 
HETATM 304 H HMP1   . CMR B 2 2 ? -5.957  -5.181  8.214   1.00 0.00 ? 10 CMR B HMP1   1 
HETATM 305 H HMP2   . CMR B 2 2 ? -5.396  -4.895  6.567   1.00 0.00 ? 10 CMR B HMP2   1 
HETATM 306 H HMP3   . CMR B 2 2 ? -4.280  -4.724  7.923   1.00 0.00 ? 10 CMR B HMP3   1 
HETATM 307 H "H5'"  . CMR B 2 2 ? -3.849  -9.237  5.702   1.00 0.00 ? 10 CMR B "H5'"  1 
HETATM 308 H "H5''" . CMR B 2 2 ? -2.682  -8.955  7.000   1.00 0.00 ? 10 CMR B "H5''" 1 
HETATM 309 H "H4'"  . CMR B 2 2 ? -1.523  -9.660  5.022   1.00 0.00 ? 10 CMR B "H4'"  1 
HETATM 310 H "H1'"  . CMR B 2 2 ? -0.710  -8.021  2.555   1.00 0.00 ? 10 CMR B "H1'"  1 
HETATM 311 H H6     . CMR B 2 2 ? -3.574  -5.969  3.720   1.00 0.00 ? 10 CMR B H6     1 
HETATM 312 H H5     . CMR B 2 2 ? -5.131  -4.840  2.207   1.00 0.00 ? 10 CMR B H5     1 
HETATM 313 H H41    . CMR B 2 2 ? -5.642  -4.389  -0.133  1.00 0.00 ? 10 CMR B H41    1 
HETATM 314 H H42    . CMR B 2 2 ? -4.469  -4.745  -1.400  1.00 0.00 ? 10 CMR B H42    1 
HETATM 315 H "H3'"  . CMR B 2 2 ? -0.929  -7.190  6.350   1.00 0.00 ? 10 CMR B "H3'"  1 
HETATM 316 H "H2'"  . CMR B 2 2 ? -1.391  -5.826  4.551   1.00 0.00 ? 10 CMR B "H2'"  1 
HETATM 317 H "H2''" . CMR B 2 2 ? 0.207   -6.341  3.966   1.00 0.00 ? 10 CMR B "H2''" 1 
HETATM 318 P P      . RMP B 2 3 ? 1.827   -7.946  6.156   1.00 0.00 ? 11 RMP B P      1 
HETATM 319 C CMP    . RMP B 2 3 ? 1.508   -7.128  7.727   1.00 0.00 ? 11 RMP B CMP    1 
HETATM 320 O OP1    . RMP B 2 3 ? 2.715   -9.093  6.172   1.00 0.00 ? 11 RMP B OP1    1 
HETATM 321 O "O5'"  . RMP B 2 3 ? 2.440   -6.950  5.068   1.00 0.00 ? 11 RMP B "O5'"  1 
HETATM 322 C "C5'"  . RMP B 2 3 ? 3.121   -7.438  3.930   1.00 0.00 ? 11 RMP B "C5'"  1 
HETATM 323 C "C4'"  . RMP B 2 3 ? 3.276   -6.339  2.882   1.00 0.00 ? 11 RMP B "C4'"  1 
HETATM 324 O "O4'"  . RMP B 2 3 ? 2.059   -6.063  2.223   1.00 0.00 ? 11 RMP B "O4'"  1 
HETATM 325 C "C1'"  . RMP B 2 3 ? 2.257   -4.864  1.506   1.00 0.00 ? 11 RMP B "C1'"  1 
HETATM 326 N N9     . RMP B 2 3 ? 0.965   -4.171  1.328   1.00 0.00 ? 11 RMP B N9     1 
HETATM 327 C C8     . RMP B 2 3 ? 0.019   -3.881  2.280   1.00 0.00 ? 11 RMP B C8     1 
HETATM 328 N N7     . RMP B 2 3 ? -1.049  -3.291  1.814   1.00 0.00 ? 11 RMP B N7     1 
HETATM 329 C C5     . RMP B 2 3 ? -0.759  -3.147  0.452   1.00 0.00 ? 11 RMP B C5     1 
HETATM 330 C C6     . RMP B 2 3 ? -1.431  -2.557  -0.640  1.00 0.00 ? 11 RMP B C6     1 
HETATM 331 N N6     . RMP B 2 3 ? -2.599  -1.941  -0.563  1.00 0.00 ? 11 RMP B N6     1 
HETATM 332 N N1     . RMP B 2 3 ? -0.873  -2.553  -1.854  1.00 0.00 ? 11 RMP B N1     1 
HETATM 333 C C2     . RMP B 2 3 ? 0.327   -3.098  -2.002  1.00 0.00 ? 11 RMP B C2     1 
HETATM 334 N N3     . RMP B 2 3 ? 1.085   -3.689  -1.078  1.00 0.00 ? 11 RMP B N3     1 
HETATM 335 C C4     . RMP B 2 3 ? 0.469   -3.676  0.145   1.00 0.00 ? 11 RMP B C4     1 
HETATM 336 C "C3'"  . RMP B 2 3 ? 3.750   -4.996  3.418   1.00 0.00 ? 11 RMP B "C3'"  1 
HETATM 337 C "C2'"  . RMP B 2 3 ? 3.270   -4.052  2.316   1.00 0.00 ? 11 RMP B "C2'"  1 
HETATM 338 O "O3'"  . RMP B 2 3 ? 5.154   -5.023  3.615   1.00 0.00 ? 11 RMP B "O3'"  1 
HETATM 339 H HMP1   . RMP B 2 3 ? 0.967   -7.798  8.379   1.00 0.00 ? 11 RMP B HMP1   1 
HETATM 340 H HMP2   . RMP B 2 3 ? 0.918   -6.238  7.557   1.00 0.00 ? 11 RMP B HMP2   1 
HETATM 341 H HMP3   . RMP B 2 3 ? 2.444   -6.855  8.189   1.00 0.00 ? 11 RMP B HMP3   1 
HETATM 342 H "H5'"  . RMP B 2 3 ? 2.569   -8.265  3.480   1.00 0.00 ? 11 RMP B "H5'"  1 
HETATM 343 H "H5''" . RMP B 2 3 ? 4.110   -7.790  4.227   1.00 0.00 ? 11 RMP B "H5''" 1 
HETATM 344 H "H4'"  . RMP B 2 3 ? 4.003   -6.665  2.149   1.00 0.00 ? 11 RMP B "H4'"  1 
HETATM 345 H "H1'"  . RMP B 2 3 ? 2.682   -5.090  0.526   1.00 0.00 ? 11 RMP B "H1'"  1 
HETATM 346 H H8     . RMP B 2 3 ? 0.153   -4.128  3.325   1.00 0.00 ? 11 RMP B H8     1 
HETATM 347 H H61    . RMP B 2 3 ? -2.948  -1.466  -1.392  1.00 0.00 ? 11 RMP B H61    1 
HETATM 348 H H62    . RMP B 2 3 ? -3.054  -1.851  0.332   1.00 0.00 ? 11 RMP B H62    1 
HETATM 349 H H2     . RMP B 2 3 ? 0.737   -3.063  -3.002  1.00 0.00 ? 11 RMP B H2     1 
HETATM 350 H "H3'"  . RMP B 2 3 ? 3.228   -4.750  4.344   1.00 0.00 ? 11 RMP B "H3'"  1 
HETATM 351 H "H2'"  . RMP B 2 3 ? 2.802   -3.185  2.779   1.00 0.00 ? 11 RMP B "H2'"  1 
HETATM 352 H "H2''" . RMP B 2 3 ? 4.089   -3.754  1.662   1.00 0.00 ? 11 RMP B "H2''" 1 
HETATM 353 P P      . RMP B 2 4 ? 5.991   -3.726  4.075   1.00 0.00 ? 12 RMP B P      1 
HETATM 354 C CMP    . RMP B 2 4 ? 4.986   -2.626  5.085   1.00 0.00 ? 12 RMP B CMP    1 
HETATM 355 O OP1    . RMP B 2 4 ? 7.221   -4.226  4.658   1.00 0.00 ? 12 RMP B OP1    1 
HETATM 356 O "O5'"  . RMP B 2 4 ? 6.422   -3.050  2.680   1.00 0.00 ? 12 RMP B "O5'"  1 
HETATM 357 C "C5'"  . RMP B 2 4 ? 7.230   -3.732  1.733   1.00 0.00 ? 12 RMP B "C5'"  1 
HETATM 358 C "C4'"  . RMP B 2 4 ? 7.414   -2.902  0.452   1.00 0.00 ? 12 RMP B "C4'"  1 
HETATM 359 O "O4'"  . RMP B 2 4 ? 6.132   -2.609  -0.099  1.00 0.00 ? 12 RMP B "O4'"  1 
HETATM 360 C "C1'"  . RMP B 2 4 ? 5.872   -1.215  0.040   1.00 0.00 ? 12 RMP B "C1'"  1 
HETATM 361 N N9     . RMP B 2 4 ? 4.521   -0.972  0.607   1.00 0.00 ? 12 RMP B N9     1 
HETATM 362 C C8     . RMP B 2 4 ? 4.118   -0.924  1.925   1.00 0.00 ? 12 RMP B C8     1 
HETATM 363 N N7     . RMP B 2 4 ? 2.852   -0.660  2.100   1.00 0.00 ? 12 RMP B N7     1 
HETATM 364 C C5     . RMP B 2 4 ? 2.389   -0.480  0.790   1.00 0.00 ? 12 RMP B C5     1 
HETATM 365 C C6     . RMP B 2 4 ? 1.142   -0.121  0.229   1.00 0.00 ? 12 RMP B C6     1 
HETATM 366 N N6     . RMP B 2 4 ? 0.035   0.107   0.920   1.00 0.00 ? 12 RMP B N6     1 
HETATM 367 N N1     . RMP B 2 4 ? 1.019   0.018   -1.090  1.00 0.00 ? 12 RMP B N1     1 
HETATM 368 C C2     . RMP B 2 4 ? 2.082   -0.191  -1.853  1.00 0.00 ? 12 RMP B C2     1 
HETATM 369 N N3     . RMP B 2 4 ? 3.316   -0.537  -1.484  1.00 0.00 ? 12 RMP B N3     1 
HETATM 370 C C4     . RMP B 2 4 ? 3.399   -0.661  -0.124  1.00 0.00 ? 12 RMP B C4     1 
HETATM 371 C "C3'"  . RMP B 2 4 ? 8.136   -1.571  0.697   1.00 0.00 ? 12 RMP B "C3'"  1 
HETATM 372 C "C2'"  . RMP B 2 4 ? 6.979   -0.605  0.900   1.00 0.00 ? 12 RMP B "C2'"  1 
HETATM 373 O "O3'"  . RMP B 2 4 ? 8.932   -1.218  -0.424  1.00 0.00 ? 12 RMP B "O3'"  1 
HETATM 374 H HMP1   . RMP B 2 4 ? 4.606   -3.169  5.939   1.00 0.00 ? 12 RMP B HMP1   1 
HETATM 375 H HMP2   . RMP B 2 4 ? 4.160   -2.252  4.499   1.00 0.00 ? 12 RMP B HMP2   1 
HETATM 376 H HMP3   . RMP B 2 4 ? 5.590   -1.798  5.427   1.00 0.00 ? 12 RMP B HMP3   1 
HETATM 377 H "H5'"  . RMP B 2 4 ? 6.753   -4.677  1.466   1.00 0.00 ? 12 RMP B "H5'"  1 
HETATM 378 H "H5''" . RMP B 2 4 ? 8.206   -3.948  2.167   1.00 0.00 ? 12 RMP B "H5''" 1 
HETATM 379 H "H4'"  . RMP B 2 4 ? 7.994   -3.497  -0.257  1.00 0.00 ? 12 RMP B "H4'"  1 
HETATM 380 H "H1'"  . RMP B 2 4 ? 5.925   -0.762  -0.954  1.00 0.00 ? 12 RMP B "H1'"  1 
HETATM 381 H H8     . RMP B 2 4 ? 4.782   -1.121  2.756   1.00 0.00 ? 12 RMP B H8     1 
HETATM 382 H H61    . RMP B 2 4 ? -0.826  0.387   0.450   1.00 0.00 ? 12 RMP B H61    1 
HETATM 383 H H62    . RMP B 2 4 ? 0.053   -0.020  1.931   1.00 0.00 ? 12 RMP B H62    1 
HETATM 384 H H2     . RMP B 2 4 ? 1.911   -0.067  -2.908  1.00 0.00 ? 12 RMP B H2     1 
HETATM 385 H "H3'"  . RMP B 2 4 ? 8.757   -1.635  1.593   1.00 0.00 ? 12 RMP B "H3'"  1 
HETATM 386 H "H2'"  . RMP B 2 4 ? 6.722   -0.590  1.956   1.00 0.00 ? 12 RMP B "H2'"  1 
HETATM 387 H "H2''" . RMP B 2 4 ? 7.215   0.404   0.575   1.00 0.00 ? 12 RMP B "H2''" 1 
HETATM 388 P P      . RMP B 2 5 ? 9.912   0.069   -0.422  1.00 0.00 ? 13 RMP B P      1 
HETATM 389 C CMP    . RMP B 2 5 ? 10.416  0.467   1.259   1.00 0.00 ? 13 RMP B CMP    1 
HETATM 390 O OP1    . RMP B 2 5 ? 10.961  -0.242  -1.374  1.00 0.00 ? 13 RMP B OP1    1 
HETATM 391 O "O5'"  . RMP B 2 5 ? 9.052   1.255   -1.102  1.00 0.00 ? 13 RMP B "O5'"  1 
HETATM 392 C "C5'"  . RMP B 2 5 ? 8.811   1.284   -2.504  1.00 0.00 ? 13 RMP B "C5'"  1 
HETATM 393 C "C4'"  . RMP B 2 5 ? 8.250   2.633   -2.998  1.00 0.00 ? 13 RMP B "C4'"  1 
HETATM 394 O "O4'"  . RMP B 2 5 ? 6.925   2.834   -2.517  1.00 0.00 ? 13 RMP B "O4'"  1 
HETATM 395 C "C1'"  . RMP B 2 5 ? 6.906   3.931   -1.610  1.00 0.00 ? 13 RMP B "C1'"  1 
HETATM 396 N N9     . RMP B 2 5 ? 6.080   3.540   -0.440  1.00 0.00 ? 13 RMP B N9     1 
HETATM 397 C C8     . RMP B 2 5 ? 6.458   2.993   0.767   1.00 0.00 ? 13 RMP B C8     1 
HETATM 398 N N7     . RMP B 2 5 ? 5.463   2.637   1.535   1.00 0.00 ? 13 RMP B N7     1 
HETATM 399 C C5     . RMP B 2 5 ? 4.340   3.017   0.790   1.00 0.00 ? 13 RMP B C5     1 
HETATM 400 C C6     . RMP B 2 5 ? 2.945   2.952   0.996   1.00 0.00 ? 13 RMP B C6     1 
HETATM 401 N N6     . RMP B 2 5 ? 2.356   2.464   2.071   1.00 0.00 ? 13 RMP B N6     1 
HETATM 402 N N1     . RMP B 2 5 ? 2.097   3.404   0.071   1.00 0.00 ? 13 RMP B N1     1 
HETATM 403 C C2     . RMP B 2 5 ? 2.594   3.937   -1.035  1.00 0.00 ? 13 RMP B C2     1 
HETATM 404 N N3     . RMP B 2 5 ? 3.876   4.092   -1.364  1.00 0.00 ? 13 RMP B N3     1 
HETATM 405 C C4     . RMP B 2 5 ? 4.706   3.590   -0.401  1.00 0.00 ? 13 RMP B C4     1 
HETATM 406 C "C3'"  . RMP B 2 5 ? 9.089   3.841   -2.557  1.00 0.00 ? 13 RMP B "C3'"  1 
HETATM 407 C "C2'"  . RMP B 2 5 ? 8.361   4.294   -1.293  1.00 0.00 ? 13 RMP B "C2'"  1 
HETATM 408 O "O3'"  . RMP B 2 5 ? 9.081   4.812   -3.596  1.00 0.00 ? 13 RMP B "O3'"  1 
HETATM 409 H HMP1   . RMP B 2 5 ? 10.861  -0.403  1.718   1.00 0.00 ? 13 RMP B HMP1   1 
HETATM 410 H HMP2   . RMP B 2 5 ? 9.553   0.774   1.831   1.00 0.00 ? 13 RMP B HMP2   1 
HETATM 411 H HMP3   . RMP B 2 5 ? 11.138  1.270   1.239   1.00 0.00 ? 13 RMP B HMP3   1 
HETATM 412 H "H5'"  . RMP B 2 5 ? 8.112   0.490   -2.772  1.00 0.00 ? 13 RMP B "H5'"  1 
HETATM 413 H "H5''" . RMP B 2 5 ? 9.747   1.104   -3.034  1.00 0.00 ? 13 RMP B "H5''" 1 
HETATM 414 H "H4'"  . RMP B 2 5 ? 8.229   2.600   -4.090  1.00 0.00 ? 13 RMP B "H4'"  1 
HETATM 415 H "H1'"  . RMP B 2 5 ? 6.441   4.788   -2.108  1.00 0.00 ? 13 RMP B "H1'"  1 
HETATM 416 H H8     . RMP B 2 5 ? 7.490   2.830   1.053   1.00 0.00 ? 13 RMP B H8     1 
HETATM 417 H H61    . RMP B 2 5 ? 1.341   2.457   2.123   1.00 0.00 ? 13 RMP B H61    1 
HETATM 418 H H62    . RMP B 2 5 ? 2.897   2.125   2.858   1.00 0.00 ? 13 RMP B H62    1 
HETATM 419 H H2     . RMP B 2 5 ? 1.868   4.297   -1.751  1.00 0.00 ? 13 RMP B H2     1 
HETATM 420 H "H3'"  . RMP B 2 5 ? 10.109  3.533   -2.333  1.00 0.00 ? 13 RMP B "H3'"  1 
HETATM 421 H "H2'"  . RMP B 2 5 ? 8.746   3.727   -0.447  1.00 0.00 ? 13 RMP B "H2'"  1 
HETATM 422 H "H2''" . RMP B 2 5 ? 8.480   5.359   -1.104  1.00 0.00 ? 13 RMP B "H2''" 1 
HETATM 423 P P      . CMR B 2 6 ? 9.873   6.226   -3.522  1.00 0.00 ? 14 CMR B P      1 
HETATM 424 C CMP    . CMR B 2 6 ? 11.269  6.140   -2.389  1.00 0.00 ? 14 CMR B CMP    1 
HETATM 425 O OP1    . CMR B 2 6 ? 10.152  6.607   -4.893  1.00 0.00 ? 14 CMR B OP1    1 
HETATM 426 O "O5'"  . CMR B 2 6 ? 8.738   7.251   -3.016  1.00 0.00 ? 14 CMR B "O5'"  1 
HETATM 427 C "C5'"  . CMR B 2 6 ? 7.678   7.641   -3.879  1.00 0.00 ? 14 CMR B "C5'"  1 
HETATM 428 C "C4'"  . CMR B 2 6 ? 6.511   8.251   -3.096  1.00 0.00 ? 14 CMR B "C4'"  1 
HETATM 429 O "O4'"  . CMR B 2 6 ? 6.052   7.304   -2.142  1.00 0.00 ? 14 CMR B "O4'"  1 
HETATM 430 C "C1'"  . CMR B 2 6 ? 5.552   8.040   -1.051  1.00 0.00 ? 14 CMR B "C1'"  1 
HETATM 431 N N1     . CMR B 2 6 ? 5.444   7.185   0.159   1.00 0.00 ? 14 CMR B N1     1 
HETATM 432 C C6     . CMR B 2 6 ? 6.570   6.725   0.807   1.00 0.00 ? 14 CMR B C6     1 
HETATM 433 C C5     . CMR B 2 6 ? 6.470   6.103   2.004   1.00 0.00 ? 14 CMR B C5     1 
HETATM 434 C C4     . CMR B 2 6 ? 5.162   5.940   2.539   1.00 0.00 ? 14 CMR B C4     1 
HETATM 435 N N4     . CMR B 2 6 ? 5.005   5.374   3.707   1.00 0.00 ? 14 CMR B N4     1 
HETATM 436 N N3     . CMR B 2 6 ? 4.068   6.319   1.897   1.00 0.00 ? 14 CMR B N3     1 
HETATM 437 C C2     . CMR B 2 6 ? 4.172   6.930   0.690   1.00 0.00 ? 14 CMR B C2     1 
HETATM 438 O O2     . CMR B 2 6 ? 3.124   7.251   0.110   1.00 0.00 ? 14 CMR B O2     1 
HETATM 439 C "C3'"  . CMR B 2 6 ? 6.828   9.563   -2.347  1.00 0.00 ? 14 CMR B "C3'"  1 
HETATM 440 C "C2'"  . CMR B 2 6 ? 6.559   9.180   -0.892  1.00 0.00 ? 14 CMR B "C2'"  1 
HETATM 441 O "O3'"  . CMR B 2 6 ? 5.958   10.587  -2.815  1.00 0.00 ? 14 CMR B "O3'"  1 
HETATM 442 H HMP1   . CMR B 2 6 ? 11.931  5.343   -2.694  1.00 0.00 ? 14 CMR B HMP1   1 
HETATM 443 H HMP2   . CMR B 2 6 ? 10.911  5.947   -1.389  1.00 0.00 ? 14 CMR B HMP2   1 
HETATM 444 H HMP3   . CMR B 2 6 ? 11.804  7.078   -2.404  1.00 0.00 ? 14 CMR B HMP3   1 
HETATM 445 H "H5'"  . CMR B 2 6 ? 7.297   6.766   -4.408  1.00 0.00 ? 14 CMR B "H5'"  1 
HETATM 446 H "H5''" . CMR B 2 6 ? 8.040   8.365   -4.610  1.00 0.00 ? 14 CMR B "H5''" 1 
HETATM 447 H "H4'"  . CMR B 2 6 ? 5.696   8.447   -3.795  1.00 0.00 ? 14 CMR B "H4'"  1 
HETATM 448 H "H1'"  . CMR B 2 6 ? 4.575   8.465   -1.315  1.00 0.00 ? 14 CMR B "H1'"  1 
HETATM 449 H H6     . CMR B 2 6 ? 7.543   6.880   0.354   1.00 0.00 ? 14 CMR B H6     1 
HETATM 450 H H5     . CMR B 2 6 ? 7.362   5.762   2.511   1.00 0.00 ? 14 CMR B H5     1 
HETATM 451 H H41    . CMR B 2 6 ? 5.810   4.979   4.189   1.00 0.00 ? 14 CMR B H41    1 
HETATM 452 H H42    . CMR B 2 6 ? 4.052   5.224   4.021   1.00 0.00 ? 14 CMR B H42    1 
HETATM 453 H "H3'"  . CMR B 2 6 ? 7.874   9.854   -2.478  1.00 0.00 ? 14 CMR B "H3'"  1 
HETATM 454 H "H2'"  . CMR B 2 6 ? 7.499   8.838   -0.461  1.00 0.00 ? 14 CMR B "H2'"  1 
HETATM 455 H "H2''" . CMR B 2 6 ? 6.151   9.988   -0.285  1.00 0.00 ? 14 CMR B "H2''" 1 
HETATM 456 P P      . RMP B 2 7 ? 5.848   12.073  -2.165  1.00 0.00 ? 15 RMP B P      1 
HETATM 457 C CMP    . RMP B 2 7 ? 5.755   13.429  -3.316  1.00 0.00 ? 15 RMP B CMP    1 
HETATM 458 O OP1    . RMP B 2 7 ? 7.074   12.387  -1.374  1.00 0.00 ? 15 RMP B OP1    1 
HETATM 459 O "O5'"  . RMP B 2 7 ? 4.633   11.936  -1.115  1.00 0.00 ? 15 RMP B "O5'"  1 
HETATM 460 C "C5'"  . RMP B 2 7 ? 3.336   11.538  -1.523  1.00 0.00 ? 15 RMP B "C5'"  1 
HETATM 461 C "C4'"  . RMP B 2 7 ? 2.356   11.506  -0.343  1.00 0.00 ? 15 RMP B "C4'"  1 
HETATM 462 O "O4'"  . RMP B 2 7 ? 2.819   10.589  0.640   1.00 0.00 ? 15 RMP B "O4'"  1 
HETATM 463 C "C1'"  . RMP B 2 7 ? 2.606   11.164  1.914   1.00 0.00 ? 15 RMP B "C1'"  1 
HETATM 464 N N9     . RMP B 2 7 ? 3.496   10.567  2.922   1.00 0.00 ? 15 RMP B N9     1 
HETATM 465 C C8     . RMP B 2 7 ? 4.864   10.482  2.907   1.00 0.00 ? 15 RMP B C8     1 
HETATM 466 N N7     . RMP B 2 7 ? 5.373   9.789   3.895   1.00 0.00 ? 15 RMP B N7     1 
HETATM 467 C C5     . RMP B 2 7 ? 4.229   9.342   4.584   1.00 0.00 ? 15 RMP B C5     1 
HETATM 468 C C6     . RMP B 2 7 ? 3.976   8.464   5.666   1.00 0.00 ? 15 RMP B C6     1 
HETATM 469 N N6     . RMP B 2 7 ? 4.889   7.757   6.307   1.00 0.00 ? 15 RMP B N6     1 
HETATM 470 N N1     . RMP B 2 7 ? 2.736   8.251   6.109   1.00 0.00 ? 15 RMP B N1     1 
HETATM 471 C C2     . RMP B 2 7 ? 1.743   8.887   5.510   1.00 0.00 ? 15 RMP B C2     1 
HETATM 472 N N3     . RMP B 2 7 ? 1.810   9.719   4.473   1.00 0.00 ? 15 RMP B N3     1 
HETATM 473 C C4     . RMP B 2 7 ? 3.094   9.877   4.037   1.00 0.00 ? 15 RMP B C4     1 
HETATM 474 C "C3'"  . RMP B 2 7 ? 2.185   12.874  0.346   1.00 0.00 ? 15 RMP B "C3'"  1 
HETATM 475 C "C2'"  . RMP B 2 7 ? 2.846   12.657  1.702   1.00 0.00 ? 15 RMP B "C2'"  1 
HETATM 476 O "O3'"  . RMP B 2 7 ? 0.814   13.211  0.511   1.00 0.00 ? 15 RMP B "O3'"  1 
HETATM 477 H "H5'"  . RMP B 2 7 ? 3.386   10.539  -1.959  1.00 0.00 ? 15 RMP B "H5'"  1 
HETATM 478 H "H5''" . RMP B 2 7 ? 2.960   12.228  -2.279  1.00 0.00 ? 15 RMP B "H5''" 1 
HETATM 479 H "H4'"  . RMP B 2 7 ? 1.394   11.165  -0.721  1.00 0.00 ? 15 RMP B "H4'"  1 
HETATM 480 H "H1'"  . RMP B 2 7 ? 1.573   11.006  2.212   1.00 0.00 ? 15 RMP B "H1'"  1 
HETATM 481 H H8     . RMP B 2 7 ? 5.469   10.956  2.145   1.00 0.00 ? 15 RMP B H8     1 
HETATM 482 H H61    . RMP B 2 7 ? 4.503   6.979   6.845   1.00 0.00 ? 15 RMP B H61    1 
HETATM 483 H H62    . RMP B 2 7 ? 5.839   7.727   5.955   1.00 0.00 ? 15 RMP B H62    1 
HETATM 484 H H2     . RMP B 2 7 ? 0.760   8.690   5.911   1.00 0.00 ? 15 RMP B H2     1 
HETATM 485 H "H3'"  . RMP B 2 7 ? 2.692   13.665  -0.212  1.00 0.00 ? 15 RMP B "H3'"  1 
HETATM 486 H "H2'"  . RMP B 2 7 ? 3.910   12.865  1.612   1.00 0.00 ? 15 RMP B "H2'"  1 
HETATM 487 H "H2''" . RMP B 2 7 ? 2.392   13.267  2.480   1.00 0.00 ? 15 RMP B "H2''" 1 
HETATM 488 H "HO3'" . RMP B 2 7 ? 0.258   12.406  0.788   1.00 0.00 ? 15 RMP B "HO3'" 1 
# 
